data_2J6H
#
_entry.id   2J6H
#
_cell.length_a   83.300
_cell.length_b   91.230
_cell.length_c   184.990
_cell.angle_alpha   90.00
_cell.angle_beta   90.00
_cell.angle_gamma   90.00
#
_symmetry.space_group_name_H-M   'P 21 21 21'
#
loop_
_entity.id
_entity.type
_entity.pdbx_description
1 polymer 'GLUCOSAMINE-FRUCTOSE-6-PHOSPHATE AMINOTRANSFERASE'
2 non-polymer 5-OXO-L-NORLEUCINE
3 non-polymer GLUCOSE-6-PHOSPHATE
4 water water
#
_entity_poly.entity_id   1
_entity_poly.type   'polypeptide(L)'
_entity_poly.pdbx_seq_one_letter_code
;CGIVGAIAQRDVAEILLEGLRRLEYRGYDSAGLAVVDAEGHMTRLRRLGKVQMLAQAAEEHPLHGGTGIAHTRWATHGEP
SEVNAHPHVSEHIVVVHNGIIENHEPLREELKARGYTFVSETDTEVIAHLVNWELKQGGTLREAVLRAIPQLRGAYGTVI
MDSRHPDTLLAARSGSPLVIGLGMGENFIASDQLALLPVTRRFIFLEEGDIAEITRRSVNIFDKTGAEVKRQDIESNLQY
DAGDKGIYRHYMQKEIYEQPNAIKNTLTGRISHGQVDLSELGPNADELLSKVEHIQILACGTSYNSGMVSRYWFESLAGI
PCDVEIASEFRYRKSAVRRNSLMITLSQSGETADTLAGLRLSKELGYLGSLAICNVPGSSLVRESDLALMTNAGTEIGVA
STKAFTTQLTVLLMLVAKLSRLKGLDASIEHDIVHGLQALPSRIEQMLSQDKRIEALAEDFSDKHHALFLGRGDQYPIAL
EGALKLKEISYIHAEAYAAGELKHGPLALIDADMPVIVVAPNNELLEKLKSNIEEVRARGGQLYVFADQDAGFVSSDNMH
IIEMPHVEEVIAPIFYTVPLQLLAYHVALIKGTDVDQPRNLAKSVTVE
;
_entity_poly.pdbx_strand_id   A,B
#
loop_
_chem_comp.id
_chem_comp.type
_chem_comp.name
_chem_comp.formula
G6Q non-polymer GLUCOSE-6-PHOSPHATE 'C6 H13 O9 P'
#
# COMPACT_ATOMS: atom_id res chain seq x y z
N CYS A 1 19.45 17.71 -3.81
CA CYS A 1 20.29 18.80 -4.36
C CYS A 1 21.68 18.35 -4.75
N GLY A 2 22.33 19.19 -5.56
CA GLY A 2 23.63 18.95 -6.15
C GLY A 2 24.56 20.08 -5.77
N ILE A 3 25.77 19.78 -5.38
CA ILE A 3 26.70 20.84 -5.08
C ILE A 3 27.99 20.64 -5.89
N VAL A 4 28.68 21.71 -6.24
CA VAL A 4 29.94 21.69 -6.93
C VAL A 4 30.78 22.81 -6.26
N GLY A 5 32.11 22.59 -6.23
CA GLY A 5 33.07 23.56 -5.74
C GLY A 5 34.33 23.42 -6.57
N ALA A 6 35.02 24.54 -6.78
CA ALA A 6 36.22 24.55 -7.57
C ALA A 6 37.19 25.64 -7.13
N ILE A 7 38.46 25.29 -7.19
CA ILE A 7 39.46 26.26 -6.82
C ILE A 7 40.65 26.16 -7.74
N ALA A 8 40.94 27.25 -8.45
CA ALA A 8 41.92 27.20 -9.52
C ALA A 8 42.46 28.60 -9.76
N GLN A 9 43.30 28.75 -10.77
CA GLN A 9 43.74 30.08 -11.16
C GLN A 9 42.83 30.66 -12.27
N ARG A 10 42.44 29.86 -13.25
CA ARG A 10 41.47 30.30 -14.23
C ARG A 10 40.07 30.43 -13.64
N ASP A 11 39.17 31.10 -14.34
CA ASP A 11 37.77 31.22 -13.97
C ASP A 11 37.15 29.82 -13.86
N VAL A 12 36.24 29.60 -12.94
CA VAL A 12 35.70 28.27 -12.73
C VAL A 12 34.21 28.29 -12.98
N ALA A 13 33.68 29.46 -13.31
CA ALA A 13 32.21 29.61 -13.52
C ALA A 13 31.69 28.50 -14.48
N GLU A 14 32.33 28.36 -15.66
CA GLU A 14 31.90 27.30 -16.60
C GLU A 14 32.02 25.90 -16.00
N ILE A 15 33.15 25.60 -15.36
CA ILE A 15 33.26 24.31 -14.72
C ILE A 15 32.11 24.09 -13.74
N LEU A 16 31.85 25.05 -12.88
CA LEU A 16 30.75 24.90 -11.95
C LEU A 16 29.39 24.63 -12.60
N LEU A 17 29.15 25.36 -13.71
CA LEU A 17 27.85 25.26 -14.35
C LEU A 17 27.65 23.91 -15.04
N GLU A 18 28.71 23.39 -15.65
CA GLU A 18 28.64 22.11 -16.30
C GLU A 18 28.33 21.04 -15.26
N GLY A 19 28.97 21.16 -14.12
CA GLY A 19 28.74 20.30 -12.98
C GLY A 19 27.25 20.32 -12.63
N LEU A 20 26.65 21.49 -12.59
CA LEU A 20 25.23 21.55 -12.25
C LEU A 20 24.33 20.86 -13.28
N ARG A 21 24.65 21.01 -14.57
CA ARG A 21 23.86 20.34 -15.60
C ARG A 21 23.85 18.86 -15.27
N ARG A 22 25.00 18.36 -14.84
CA ARG A 22 25.21 16.96 -14.66
C ARG A 22 24.62 16.53 -13.35
N LEU A 23 24.25 17.46 -12.48
CA LEU A 23 23.67 17.09 -11.19
C LEU A 23 22.23 17.49 -11.12
N GLU A 24 21.68 17.96 -12.23
CA GLU A 24 20.28 18.32 -12.28
C GLU A 24 19.33 17.13 -11.93
N TYR A 25 19.79 15.89 -12.06
CA TYR A 25 18.92 14.79 -11.70
C TYR A 25 18.66 14.90 -10.18
N ARG A 26 19.39 15.78 -9.52
CA ARG A 26 19.24 15.92 -8.08
C ARG A 26 18.23 17.00 -7.71
N GLY A 27 17.84 17.84 -8.70
CA GLY A 27 16.92 18.93 -8.43
C GLY A 27 16.93 20.04 -9.48
N TYR A 28 15.74 20.51 -9.88
CA TYR A 28 15.63 21.55 -10.86
C TYR A 28 14.74 22.70 -10.41
N ASP A 29 14.63 22.91 -9.10
CA ASP A 29 13.76 23.99 -8.60
C ASP A 29 14.47 25.33 -8.76
N SER A 30 15.77 25.35 -8.50
CA SER A 30 16.48 26.61 -8.58
C SER A 30 17.93 26.27 -8.62
N ALA A 31 18.73 27.29 -8.88
CA ALA A 31 20.18 27.05 -8.90
C ALA A 31 20.93 28.35 -8.66
N GLY A 32 22.11 28.25 -8.07
CA GLY A 32 23.00 29.38 -7.93
C GLY A 32 24.49 29.03 -7.91
N LEU A 33 25.31 30.08 -8.05
CA LEU A 33 26.75 29.88 -7.89
C LEU A 33 27.33 31.15 -7.32
N ALA A 34 28.45 31.03 -6.59
CA ALA A 34 29.18 32.22 -6.12
C ALA A 34 30.66 32.03 -6.44
N VAL A 35 31.27 33.03 -7.11
CA VAL A 35 32.68 33.06 -7.35
C VAL A 35 33.35 34.28 -6.70
N VAL A 36 34.66 34.12 -6.39
CA VAL A 36 35.51 35.13 -5.79
C VAL A 36 36.82 35.26 -6.56
N ASP A 37 37.27 36.50 -6.78
CA ASP A 37 38.52 36.66 -7.45
C ASP A 37 39.61 36.75 -6.45
N ALA A 38 40.83 36.90 -6.91
CA ALA A 38 42.00 36.93 -6.03
C ALA A 38 41.99 38.09 -5.03
N GLU A 39 41.17 39.11 -5.30
CA GLU A 39 41.12 40.27 -4.43
C GLU A 39 40.03 40.09 -3.35
N GLY A 40 39.37 38.95 -3.32
CA GLY A 40 38.32 38.79 -2.34
C GLY A 40 36.96 39.31 -2.77
N HIS A 41 36.79 39.66 -4.05
CA HIS A 41 35.55 40.27 -4.58
C HIS A 41 34.61 39.16 -5.02
N MET A 42 33.43 39.11 -4.42
CA MET A 42 32.49 37.98 -4.64
C MET A 42 31.32 38.39 -5.53
N THR A 43 30.92 37.49 -6.44
CA THR A 43 29.77 37.76 -7.30
C THR A 43 28.86 36.58 -7.06
N ARG A 44 27.64 36.81 -6.55
CA ARG A 44 26.72 35.75 -6.36
C ARG A 44 25.58 35.86 -7.36
N LEU A 45 25.21 34.75 -8.00
CA LEU A 45 24.10 34.71 -9.00
C LEU A 45 23.10 33.57 -8.76
N ARG A 46 21.81 33.86 -8.67
CA ARG A 46 20.86 32.79 -8.36
C ARG A 46 19.62 32.97 -9.20
N ARG A 47 18.98 31.87 -9.54
CA ARG A 47 17.74 31.92 -10.31
C ARG A 47 16.76 30.84 -9.94
N LEU A 48 15.48 31.21 -9.82
CA LEU A 48 14.38 30.28 -9.68
C LEU A 48 14.31 29.63 -11.04
N GLY A 49 14.32 28.31 -11.10
CA GLY A 49 14.21 27.61 -12.38
C GLY A 49 15.31 26.57 -12.61
N LYS A 50 15.31 25.98 -13.80
CA LYS A 50 16.21 24.89 -14.09
C LYS A 50 17.59 25.43 -14.32
N VAL A 51 18.61 24.58 -14.26
CA VAL A 51 19.98 25.00 -14.40
C VAL A 51 20.22 25.92 -15.59
N GLN A 52 19.51 25.69 -16.69
CA GLN A 52 19.68 26.48 -17.91
C GLN A 52 19.36 27.96 -17.72
N MET A 53 18.36 28.26 -16.88
CA MET A 53 18.02 29.64 -16.48
C MET A 53 19.27 30.29 -15.92
N LEU A 54 19.91 29.61 -14.98
CA LEU A 54 21.19 30.14 -14.42
C LEU A 54 22.27 30.34 -15.48
N ALA A 55 22.46 29.31 -16.30
CA ALA A 55 23.45 29.36 -17.37
C ALA A 55 23.24 30.60 -18.23
N GLN A 56 21.96 30.84 -18.59
CA GLN A 56 21.62 32.03 -19.43
C GLN A 56 22.00 33.32 -18.72
N ALA A 57 21.66 33.43 -17.45
CA ALA A 57 21.92 34.64 -16.72
C ALA A 57 23.42 34.85 -16.65
N ALA A 58 24.17 33.77 -16.47
CA ALA A 58 25.63 33.88 -16.36
C ALA A 58 26.26 34.29 -17.66
N GLU A 59 25.67 33.85 -18.78
CA GLU A 59 26.24 34.17 -20.08
C GLU A 59 26.06 35.66 -20.41
N GLU A 60 24.95 36.27 -19.97
CA GLU A 60 24.77 37.71 -20.17
C GLU A 60 25.63 38.58 -19.23
N HIS A 61 26.00 38.06 -18.07
CA HIS A 61 26.92 38.76 -17.13
C HIS A 61 27.91 37.80 -16.47
N PRO A 62 29.02 37.54 -17.17
CA PRO A 62 30.01 36.53 -16.76
C PRO A 62 30.55 36.74 -15.37
N LEU A 63 30.80 35.67 -14.66
CA LEU A 63 31.34 35.78 -13.32
C LEU A 63 32.87 35.45 -13.39
N HIS A 64 33.71 36.36 -12.88
CA HIS A 64 35.16 36.20 -12.95
C HIS A 64 35.75 35.78 -11.58
N GLY A 65 36.66 34.82 -11.56
CA GLY A 65 37.21 34.37 -10.31
C GLY A 65 37.56 32.89 -10.33
N GLY A 66 38.49 32.47 -9.47
CA GLY A 66 39.06 31.14 -9.47
C GLY A 66 38.55 30.26 -8.36
N THR A 67 37.74 30.82 -7.49
CA THR A 67 37.16 30.04 -6.43
C THR A 67 35.65 30.23 -6.50
N GLY A 68 34.92 29.15 -6.30
CA GLY A 68 33.49 29.26 -6.34
C GLY A 68 32.83 28.02 -5.91
N ILE A 69 31.58 28.14 -5.45
CA ILE A 69 30.67 27.01 -5.21
C ILE A 69 29.38 27.20 -5.97
N ALA A 70 28.56 26.16 -6.09
CA ALA A 70 27.35 26.21 -6.91
C ALA A 70 26.35 25.22 -6.34
N HIS A 71 25.10 25.34 -6.74
CA HIS A 71 24.12 24.46 -6.22
C HIS A 71 22.91 24.40 -7.15
N THR A 72 22.34 23.20 -7.22
CA THR A 72 21.07 23.00 -7.86
C THR A 72 20.11 22.34 -6.83
N ARG A 73 18.85 22.80 -6.77
CA ARG A 73 17.94 22.51 -5.64
C ARG A 73 16.72 21.67 -5.94
N TRP A 74 16.45 20.74 -5.01
CA TRP A 74 15.13 20.15 -4.83
C TRP A 74 14.71 20.72 -3.47
N ALA A 75 13.73 21.60 -3.46
CA ALA A 75 13.36 22.31 -2.26
C ALA A 75 12.74 21.44 -1.13
N THR A 76 13.27 21.48 0.10
CA THR A 76 12.62 20.84 1.22
C THR A 76 12.07 21.84 2.20
N HIS A 77 12.86 22.87 2.52
CA HIS A 77 12.54 23.87 3.52
C HIS A 77 12.44 25.22 2.88
N GLY A 78 11.21 25.73 2.74
CA GLY A 78 10.92 26.92 1.99
C GLY A 78 10.64 26.64 0.52
N GLU A 79 9.58 27.23 -0.04
CA GLU A 79 9.17 27.08 -1.46
C GLU A 79 10.34 27.50 -2.41
N PRO A 80 10.39 26.97 -3.63
CA PRO A 80 11.41 27.42 -4.59
C PRO A 80 11.28 28.96 -4.85
N SER A 81 12.39 29.68 -4.80
CA SER A 81 12.42 31.14 -4.97
C SER A 81 13.89 31.52 -4.95
N GLU A 82 14.21 32.65 -5.62
CA GLU A 82 15.58 33.07 -5.69
C GLU A 82 16.10 33.36 -4.24
N VAL A 83 15.24 33.97 -3.43
CA VAL A 83 15.55 34.19 -2.05
C VAL A 83 16.04 32.92 -1.32
N ASN A 84 15.35 31.77 -1.49
CA ASN A 84 15.73 30.54 -0.88
C ASN A 84 16.79 29.74 -1.62
N ALA A 85 17.16 30.16 -2.82
CA ALA A 85 18.17 29.37 -3.53
C ALA A 85 19.54 29.46 -2.81
N HIS A 86 20.34 28.40 -2.87
CA HIS A 86 21.74 28.45 -2.47
C HIS A 86 22.54 29.10 -3.64
N PRO A 87 23.73 29.65 -3.40
CA PRO A 87 24.46 29.71 -2.10
C PRO A 87 23.84 30.66 -1.12
N HIS A 88 23.80 30.32 0.17
CA HIS A 88 23.32 31.23 1.22
C HIS A 88 24.51 31.90 1.88
N VAL A 89 24.30 33.10 2.38
CA VAL A 89 25.43 33.85 2.89
C VAL A 89 25.17 34.26 4.33
N SER A 90 26.28 34.53 4.98
CA SER A 90 26.34 35.22 6.25
C SER A 90 27.54 36.21 6.13
N GLU A 91 27.30 37.36 5.52
CA GLU A 91 28.33 38.33 5.10
C GLU A 91 29.36 37.56 4.23
N HIS A 92 30.61 37.47 4.69
CA HIS A 92 31.72 36.82 3.94
C HIS A 92 31.60 35.30 3.87
N ILE A 93 30.73 34.69 4.69
CA ILE A 93 30.56 33.25 4.66
C ILE A 93 29.56 32.83 3.60
N VAL A 94 29.92 31.85 2.78
CA VAL A 94 29.10 31.44 1.68
C VAL A 94 29.02 29.92 1.71
N VAL A 95 27.82 29.38 1.50
CA VAL A 95 27.54 27.96 1.76
C VAL A 95 26.61 27.34 0.75
N VAL A 96 26.93 26.12 0.26
CA VAL A 96 25.95 25.33 -0.48
C VAL A 96 25.74 24.05 0.28
N HIS A 97 24.56 23.48 0.20
CA HIS A 97 24.23 22.39 1.09
C HIS A 97 23.35 21.34 0.40
N ASN A 98 23.69 20.06 0.47
CA ASN A 98 22.77 19.03 0.03
C ASN A 98 22.44 18.28 1.29
N GLY A 99 21.20 18.39 1.76
CA GLY A 99 20.81 17.65 2.98
C GLY A 99 19.72 18.36 3.72
N ILE A 100 19.59 18.08 5.00
CA ILE A 100 18.62 18.74 5.88
C ILE A 100 19.15 18.89 7.33
N ILE A 101 19.15 20.11 7.85
CA ILE A 101 19.51 20.36 9.23
C ILE A 101 18.23 20.18 10.05
N GLU A 102 18.05 19.01 10.61
CA GLU A 102 16.83 18.69 11.29
C GLU A 102 16.51 19.54 12.55
N ASN A 103 17.56 20.12 13.14
CA ASN A 103 17.42 20.93 14.32
C ASN A 103 17.59 22.37 13.96
N HIS A 104 17.27 22.71 12.73
CA HIS A 104 17.29 24.11 12.25
C HIS A 104 16.49 25.03 13.14
N GLU A 105 15.41 24.54 13.78
CA GLU A 105 14.51 25.40 14.61
C GLU A 105 15.25 25.98 15.81
N PRO A 106 15.71 25.13 16.75
CA PRO A 106 16.48 25.64 17.91
C PRO A 106 17.65 26.50 17.40
N LEU A 107 18.47 26.01 16.48
CA LEU A 107 19.64 26.76 16.02
C LEU A 107 19.27 28.12 15.55
N ARG A 108 18.28 28.18 14.65
CA ARG A 108 17.77 29.47 14.18
C ARG A 108 17.42 30.46 15.30
N GLU A 109 16.66 30.01 16.31
CA GLU A 109 16.26 30.91 17.37
C GLU A 109 17.49 31.38 18.20
N GLU A 110 18.46 30.49 18.35
CA GLU A 110 19.69 30.75 19.08
C GLU A 110 20.54 31.73 18.30
N LEU A 111 20.67 31.56 16.98
CA LEU A 111 21.40 32.52 16.18
C LEU A 111 20.68 33.88 16.10
N LYS A 112 19.34 33.85 16.09
CA LYS A 112 18.58 35.09 16.11
C LYS A 112 18.82 35.91 17.38
N ALA A 113 19.12 35.22 18.47
CA ALA A 113 19.32 35.83 19.78
C ALA A 113 20.73 36.44 19.88
N ARG A 114 21.61 36.00 19.00
CA ARG A 114 22.93 36.53 18.87
C ARG A 114 22.97 37.64 17.78
N GLY A 115 21.84 38.01 17.16
CA GLY A 115 21.87 39.18 16.29
C GLY A 115 21.65 38.92 14.80
N TYR A 116 21.78 37.65 14.40
CA TYR A 116 21.64 37.33 13.02
C TYR A 116 20.22 37.44 12.48
N THR A 117 20.11 37.85 11.21
CA THR A 117 18.84 38.05 10.52
C THR A 117 18.72 36.90 9.53
N PHE A 118 17.61 36.19 9.56
CA PHE A 118 17.37 35.11 8.58
C PHE A 118 16.60 35.71 7.43
N VAL A 119 17.09 35.56 6.19
CA VAL A 119 16.37 36.21 5.13
C VAL A 119 15.65 35.18 4.34
N SER A 120 15.98 33.93 4.61
CA SER A 120 15.36 32.86 3.90
C SER A 120 14.56 32.00 4.85
N GLU A 121 13.79 31.08 4.29
CA GLU A 121 13.08 30.12 5.09
C GLU A 121 13.83 28.82 5.10
N THR A 122 15.06 28.76 4.55
CA THR A 122 15.73 27.45 4.49
C THR A 122 16.37 27.05 5.82
N ASP A 123 16.53 25.74 6.05
CA ASP A 123 17.30 25.22 7.16
C ASP A 123 18.83 25.48 6.86
N THR A 124 19.22 25.33 5.60
CA THR A 124 20.58 25.61 5.17
C THR A 124 21.13 26.92 5.71
N GLU A 125 20.30 27.93 5.80
CA GLU A 125 20.86 29.25 6.18
C GLU A 125 21.49 29.23 7.59
N VAL A 126 21.00 28.36 8.49
CA VAL A 126 21.61 28.30 9.81
C VAL A 126 23.06 27.88 9.73
N ILE A 127 23.41 27.07 8.73
CA ILE A 127 24.82 26.73 8.56
C ILE A 127 25.72 27.98 8.33
N ALA A 128 25.29 28.86 7.44
CA ALA A 128 26.10 30.02 7.11
C ALA A 128 26.30 30.85 8.36
N HIS A 129 25.19 31.09 9.06
CA HIS A 129 25.26 31.94 10.24
C HIS A 129 25.99 31.29 11.36
N LEU A 130 25.82 29.97 11.55
CA LEU A 130 26.51 29.31 12.63
C LEU A 130 28.03 29.44 12.41
N VAL A 131 28.50 29.12 11.22
CA VAL A 131 29.90 29.21 10.89
C VAL A 131 30.44 30.66 11.02
N ASN A 132 29.59 31.62 10.73
CA ASN A 132 29.97 33.00 10.86
C ASN A 132 30.21 33.24 12.34
N TRP A 133 29.31 32.75 13.18
CA TRP A 133 29.44 33.04 14.60
C TRP A 133 30.70 32.39 15.18
N GLU A 134 30.98 31.17 14.77
CA GLU A 134 32.12 30.46 15.31
C GLU A 134 33.40 31.15 14.94
N LEU A 135 33.46 31.70 13.73
CA LEU A 135 34.67 32.42 13.28
C LEU A 135 34.88 33.74 14.05
N LYS A 136 33.83 34.47 14.38
CA LYS A 136 33.97 35.68 15.18
C LYS A 136 34.89 35.40 16.35
N GLN A 137 34.67 34.23 16.97
CA GLN A 137 35.37 33.87 18.21
C GLN A 137 36.90 33.72 18.03
N GLY A 138 37.37 33.76 16.78
CA GLY A 138 38.77 33.58 16.41
C GLY A 138 39.03 32.23 15.73
N GLY A 139 40.25 32.05 15.21
CA GLY A 139 40.69 30.80 14.59
C GLY A 139 40.58 30.78 13.09
N THR A 140 40.94 29.65 12.46
CA THR A 140 40.83 29.52 11.00
C THR A 140 39.48 28.96 10.59
N LEU A 141 39.22 28.95 9.27
CA LEU A 141 37.95 28.45 8.79
C LEU A 141 37.73 26.96 9.23
N ARG A 142 38.76 26.15 9.08
CA ARG A 142 38.73 24.73 9.44
C ARG A 142 38.31 24.60 10.90
N GLU A 143 38.93 25.38 11.78
CA GLU A 143 38.54 25.30 13.19
C GLU A 143 37.10 25.71 13.45
N ALA A 144 36.62 26.67 12.70
CA ALA A 144 35.25 27.17 12.82
C ALA A 144 34.25 26.08 12.38
N VAL A 145 34.53 25.44 11.26
CA VAL A 145 33.64 24.41 10.76
C VAL A 145 33.66 23.27 11.76
N LEU A 146 34.85 22.90 12.24
CA LEU A 146 35.00 21.83 13.23
C LEU A 146 34.20 22.08 14.48
N ARG A 147 33.92 23.32 14.84
CA ARG A 147 33.15 23.60 16.07
C ARG A 147 31.69 23.67 15.69
N ALA A 148 31.41 23.95 14.41
CA ALA A 148 30.03 24.10 14.00
C ALA A 148 29.31 22.72 13.77
N ILE A 149 29.95 21.89 12.96
CA ILE A 149 29.45 20.59 12.56
C ILE A 149 28.83 19.86 13.72
N PRO A 150 29.55 19.70 14.81
CA PRO A 150 29.02 18.98 15.97
C PRO A 150 27.65 19.49 16.42
N GLN A 151 27.30 20.73 16.07
CA GLN A 151 26.03 21.30 16.54
C GLN A 151 24.85 21.02 15.60
N LEU A 152 25.19 20.59 14.39
CA LEU A 152 24.22 20.26 13.37
C LEU A 152 23.67 18.86 13.63
N ARG A 153 22.43 18.71 13.25
CA ARG A 153 21.82 17.43 13.36
C ARG A 153 21.15 17.17 12.02
N GLY A 154 21.22 15.93 11.55
CA GLY A 154 20.65 15.47 10.27
C GLY A 154 21.75 15.36 9.21
N ALA A 155 21.45 15.61 7.95
CA ALA A 155 22.43 15.41 6.88
C ALA A 155 22.93 16.70 6.29
N TYR A 156 24.17 16.62 5.83
CA TYR A 156 24.79 17.77 5.18
C TYR A 156 25.85 17.22 4.25
N GLY A 157 25.79 17.69 3.01
CA GLY A 157 26.89 17.58 2.08
C GLY A 157 27.13 19.09 1.82
N THR A 158 28.05 19.69 2.54
CA THR A 158 28.22 21.12 2.37
C THR A 158 29.60 21.56 1.95
N VAL A 159 29.68 22.71 1.29
CA VAL A 159 30.99 23.28 0.87
C VAL A 159 30.93 24.73 1.30
N ILE A 160 31.87 25.14 2.12
CA ILE A 160 31.77 26.42 2.81
C ILE A 160 32.95 27.28 2.38
N MET A 161 32.70 28.55 2.28
CA MET A 161 33.77 29.47 1.77
C MET A 161 33.70 30.82 2.55
N ASP A 162 34.83 31.46 2.74
CA ASP A 162 34.92 32.81 3.26
C ASP A 162 35.54 33.58 2.11
N SER A 163 34.72 34.44 1.54
CA SER A 163 35.13 35.25 0.44
C SER A 163 36.34 36.19 0.71
N ARG A 164 36.69 36.41 1.96
CA ARG A 164 37.86 37.22 2.24
C ARG A 164 39.17 36.44 2.03
N HIS A 165 39.04 35.12 1.94
CA HIS A 165 40.14 34.19 1.78
C HIS A 165 39.81 33.17 0.68
N PRO A 166 39.91 33.59 -0.59
CA PRO A 166 39.59 32.70 -1.75
C PRO A 166 40.56 31.50 -1.94
N ASP A 167 41.60 31.36 -1.12
CA ASP A 167 42.48 30.25 -1.28
C ASP A 167 42.00 28.91 -0.72
N THR A 168 40.92 28.88 0.06
CA THR A 168 40.56 27.73 0.80
C THR A 168 39.03 27.46 0.74
N LEU A 169 38.68 26.17 0.69
CA LEU A 169 37.30 25.79 0.78
C LEU A 169 37.25 24.74 1.86
N LEU A 170 36.16 24.74 2.63
CA LEU A 170 35.97 23.68 3.59
C LEU A 170 34.77 22.86 3.13
N ALA A 171 34.92 21.55 3.19
CA ALA A 171 33.87 20.63 2.77
C ALA A 171 33.61 19.76 3.97
N ALA A 172 32.36 19.48 4.27
CA ALA A 172 32.03 18.54 5.32
C ALA A 172 30.92 17.55 4.86
N ARG A 173 31.12 16.27 5.14
CA ARG A 173 30.11 15.26 4.80
C ARG A 173 29.46 14.56 5.95
N SER A 174 28.13 14.53 5.94
CA SER A 174 27.32 13.62 6.77
C SER A 174 26.09 13.16 5.95
N GLY A 175 26.00 11.85 5.67
CA GLY A 175 24.94 11.32 4.81
C GLY A 175 25.13 11.60 3.32
N SER A 176 24.75 12.77 2.90
CA SER A 176 24.97 13.21 1.50
C SER A 176 26.38 12.92 0.96
N PRO A 177 26.52 12.52 -0.26
CA PRO A 177 27.87 12.19 -0.76
C PRO A 177 28.73 13.46 -1.07
N LEU A 178 30.06 13.36 -0.92
CA LEU A 178 30.98 14.39 -1.42
C LEU A 178 32.17 13.70 -1.97
N VAL A 179 32.52 14.07 -3.20
CA VAL A 179 33.64 13.49 -3.84
C VAL A 179 34.56 14.64 -4.16
N ILE A 180 35.84 14.47 -3.82
CA ILE A 180 36.85 15.43 -4.15
C ILE A 180 37.57 15.04 -5.47
N GLY A 181 37.62 15.98 -6.40
CA GLY A 181 38.38 15.78 -7.63
C GLY A 181 39.75 16.48 -7.58
N LEU A 182 40.83 15.76 -7.84
CA LEU A 182 42.16 16.27 -7.75
C LEU A 182 42.67 16.64 -9.09
N GLY A 183 42.98 17.91 -9.28
CA GLY A 183 43.47 18.37 -10.55
C GLY A 183 44.96 18.67 -10.52
N MET A 184 45.38 19.42 -11.49
CA MET A 184 46.78 19.78 -11.54
C MET A 184 46.95 21.24 -11.21
N GLY A 185 47.25 21.53 -9.96
CA GLY A 185 47.38 22.91 -9.54
C GLY A 185 46.00 23.49 -9.35
N GLU A 186 45.00 22.61 -9.30
CA GLU A 186 43.65 22.95 -8.89
C GLU A 186 42.93 21.80 -8.24
N ASN A 187 41.83 22.08 -7.53
CA ASN A 187 41.02 21.02 -6.95
C ASN A 187 39.53 21.29 -6.95
N PHE A 188 38.74 20.20 -6.92
CA PHE A 188 37.30 20.24 -7.14
C PHE A 188 36.54 19.36 -6.15
N ILE A 189 35.24 19.54 -6.08
CA ILE A 189 34.42 18.70 -5.22
C ILE A 189 33.01 18.75 -5.80
N ALA A 190 32.28 17.63 -5.68
CA ALA A 190 30.91 17.60 -6.18
C ALA A 190 30.13 16.44 -5.57
N SER A 191 28.83 16.44 -5.78
CA SER A 191 27.99 15.40 -5.28
C SER A 191 28.32 14.11 -5.89
N ASP A 192 28.73 14.07 -7.15
CA ASP A 192 29.13 12.81 -7.77
C ASP A 192 30.29 12.95 -8.77
N GLN A 193 30.96 11.88 -9.15
CA GLN A 193 32.11 11.88 -10.04
C GLN A 193 31.78 12.45 -11.39
N LEU A 194 30.57 12.14 -11.86
CA LEU A 194 30.21 12.45 -13.23
C LEU A 194 30.27 13.93 -13.49
N ALA A 195 29.94 14.72 -12.46
CA ALA A 195 29.96 16.18 -12.55
C ALA A 195 31.37 16.74 -12.85
N LEU A 196 32.41 16.02 -12.42
CA LEU A 196 33.77 16.58 -12.49
C LEU A 196 34.64 15.90 -13.53
N LEU A 197 34.09 14.96 -14.30
CA LEU A 197 34.91 14.27 -15.28
C LEU A 197 35.59 15.19 -16.32
N PRO A 198 34.91 16.29 -16.70
CA PRO A 198 35.50 17.23 -17.67
C PRO A 198 36.84 17.81 -17.28
N VAL A 199 37.13 17.87 -15.98
CA VAL A 199 38.37 18.46 -15.53
C VAL A 199 39.29 17.40 -14.90
N THR A 200 38.74 16.27 -14.40
CA THR A 200 39.58 15.24 -13.76
C THR A 200 38.95 13.84 -13.63
N ARG A 201 39.82 12.87 -13.39
CA ARG A 201 39.41 11.49 -13.19
C ARG A 201 39.86 10.86 -11.87
N ARG A 202 40.69 11.60 -11.13
CA ARG A 202 41.25 11.19 -9.87
C ARG A 202 40.35 11.70 -8.77
N PHE A 203 39.80 10.77 -7.97
CA PHE A 203 38.84 11.11 -6.96
C PHE A 203 39.14 10.54 -5.56
N ILE A 204 38.70 11.31 -4.56
CA ILE A 204 38.67 10.84 -3.19
C ILE A 204 37.24 10.92 -2.69
N PHE A 205 36.71 9.85 -2.10
CA PHE A 205 35.41 9.85 -1.47
C PHE A 205 35.45 10.15 -0.01
N LEU A 206 34.85 11.26 0.42
CA LEU A 206 34.84 11.57 1.85
C LEU A 206 34.01 10.53 2.59
N GLU A 207 34.51 10.12 3.77
CA GLU A 207 33.84 9.12 4.62
C GLU A 207 32.83 9.91 5.48
N GLU A 208 31.90 9.17 6.11
CA GLU A 208 30.88 9.71 6.98
C GLU A 208 31.62 10.56 8.06
N GLY A 209 31.36 11.86 8.12
CA GLY A 209 31.98 12.68 9.15
C GLY A 209 33.28 13.33 8.74
N ASP A 210 33.83 13.03 7.59
CA ASP A 210 35.05 13.71 7.23
C ASP A 210 34.84 15.20 7.02
N ILE A 211 35.89 15.97 7.27
CA ILE A 211 35.91 17.40 6.95
C ILE A 211 37.11 17.49 6.04
N ALA A 212 37.06 18.26 4.99
CA ALA A 212 38.26 18.42 4.20
C ALA A 212 38.61 19.90 4.02
N GLU A 213 39.85 20.26 4.29
CA GLU A 213 40.29 21.62 4.02
C GLU A 213 40.97 21.62 2.67
N ILE A 214 40.38 22.30 1.69
CA ILE A 214 40.83 22.24 0.31
C ILE A 214 41.40 23.54 -0.20
N THR A 215 42.62 23.47 -0.73
CA THR A 215 43.17 24.61 -1.45
C THR A 215 43.44 24.16 -2.89
N ARG A 216 43.95 25.07 -3.73
CA ARG A 216 44.34 24.79 -5.10
C ARG A 216 45.43 23.75 -5.08
N ARG A 217 46.24 23.74 -4.02
CA ARG A 217 47.44 22.90 -4.03
C ARG A 217 47.39 21.71 -3.08
N SER A 218 46.30 21.55 -2.33
CA SER A 218 46.33 20.54 -1.27
C SER A 218 44.97 20.12 -0.79
N VAL A 219 44.92 18.91 -0.25
CA VAL A 219 43.72 18.35 0.34
C VAL A 219 44.15 17.67 1.60
N ASN A 220 43.64 18.19 2.71
CA ASN A 220 43.89 17.68 4.04
C ASN A 220 42.50 17.31 4.65
N ILE A 221 42.30 16.02 4.96
CA ILE A 221 41.06 15.52 5.49
C ILE A 221 41.15 15.17 6.98
N PHE A 222 40.14 15.54 7.74
CA PHE A 222 40.11 15.18 9.14
C PHE A 222 38.89 14.31 9.34
N ASP A 223 38.99 13.29 10.17
CA ASP A 223 37.85 12.41 10.45
C ASP A 223 36.88 13.03 11.48
N LYS A 224 35.88 12.27 11.90
CA LYS A 224 34.85 12.79 12.81
C LYS A 224 35.45 13.24 14.19
N THR A 225 36.44 12.51 14.70
CA THR A 225 37.08 12.79 15.98
C THR A 225 38.07 13.94 15.89
N GLY A 226 38.25 14.47 14.68
CA GLY A 226 39.21 15.55 14.44
C GLY A 226 40.65 15.15 14.05
N ALA A 227 40.95 13.85 14.10
CA ALA A 227 42.22 13.29 13.65
C ALA A 227 42.49 13.59 12.17
N GLU A 228 43.75 13.78 11.84
CA GLU A 228 44.20 13.97 10.47
C GLU A 228 44.42 12.62 9.80
N VAL A 229 43.65 12.36 8.74
CA VAL A 229 43.71 11.05 8.08
C VAL A 229 43.99 11.16 6.59
N LYS A 230 44.55 10.08 6.01
CA LYS A 230 44.72 9.95 4.53
C LYS A 230 43.56 9.16 3.92
N ARG A 231 42.86 9.73 2.93
CA ARG A 231 41.91 8.95 2.15
C ARG A 231 42.55 8.52 0.80
N GLN A 232 42.15 7.33 0.32
CA GLN A 232 42.76 6.84 -0.93
C GLN A 232 42.16 7.50 -2.16
N ASP A 233 42.97 7.78 -3.15
CA ASP A 233 42.46 8.28 -4.41
C ASP A 233 42.34 7.17 -5.43
N ILE A 234 41.24 7.19 -6.18
CA ILE A 234 41.04 6.25 -7.25
C ILE A 234 41.16 6.92 -8.62
N GLU A 235 41.43 6.12 -9.64
CA GLU A 235 41.30 6.59 -11.01
C GLU A 235 39.99 6.06 -11.60
N SER A 236 39.12 6.94 -12.06
CA SER A 236 37.87 6.44 -12.57
C SER A 236 37.79 6.28 -14.09
N ASN A 237 37.10 5.22 -14.51
CA ASN A 237 36.92 4.96 -15.94
C ASN A 237 35.49 5.23 -16.37
N LEU A 238 34.77 6.04 -15.60
CA LEU A 238 33.37 6.32 -15.88
C LEU A 238 33.26 7.16 -17.13
N GLN A 239 32.13 7.06 -17.81
CA GLN A 239 31.92 7.81 -19.05
C GLN A 239 30.58 8.51 -18.94
N TYR A 240 30.54 9.81 -19.22
CA TYR A 240 29.33 10.54 -18.98
C TYR A 240 28.48 10.48 -20.23
N ASP A 241 27.29 10.00 -20.02
CA ASP A 241 26.30 9.90 -21.05
C ASP A 241 25.24 10.98 -20.69
N ALA A 242 25.17 12.03 -21.51
CA ALA A 242 24.21 13.11 -21.28
C ALA A 242 22.74 12.76 -21.67
N GLY A 243 22.60 11.66 -22.43
CA GLY A 243 21.28 11.18 -22.87
C GLY A 243 20.79 12.04 -24.02
N ASP A 244 19.70 11.59 -24.66
CA ASP A 244 19.27 12.26 -25.95
C ASP A 244 17.82 11.97 -26.12
N LYS A 245 17.15 12.79 -26.93
CA LYS A 245 15.72 12.57 -27.27
C LYS A 245 15.56 11.78 -28.57
N GLY A 246 16.62 11.81 -29.39
CA GLY A 246 16.57 11.26 -30.73
C GLY A 246 15.47 11.93 -31.53
N ILE A 247 14.71 11.11 -32.22
CA ILE A 247 13.58 11.61 -32.97
C ILE A 247 12.40 11.93 -32.04
N TYR A 248 12.53 11.71 -30.74
CA TYR A 248 11.35 11.84 -29.89
C TYR A 248 11.15 13.24 -29.38
N ARG A 249 9.94 13.51 -28.92
CA ARG A 249 9.53 14.77 -28.43
C ARG A 249 9.85 14.90 -26.95
N HIS A 250 10.01 13.81 -26.22
CA HIS A 250 10.34 13.81 -24.79
C HIS A 250 11.31 12.67 -24.45
N TYR A 251 12.01 12.78 -23.32
CA TYR A 251 12.96 11.76 -22.89
C TYR A 251 12.14 10.58 -22.42
N MET A 252 11.03 10.84 -21.73
CA MET A 252 10.18 9.75 -21.33
C MET A 252 9.80 8.93 -22.51
N GLN A 253 9.47 9.59 -23.61
CA GLN A 253 8.96 8.88 -24.77
C GLN A 253 10.05 8.01 -25.34
N LYS A 254 11.20 8.61 -25.68
CA LYS A 254 12.35 7.82 -26.15
C LYS A 254 12.67 6.63 -25.21
N GLU A 255 12.58 6.90 -23.92
CA GLU A 255 12.93 5.94 -22.94
C GLU A 255 11.95 4.78 -23.01
N ILE A 256 10.71 5.06 -23.39
CA ILE A 256 9.71 3.98 -23.45
C ILE A 256 10.02 3.07 -24.66
N TYR A 257 10.28 3.69 -25.79
CA TYR A 257 10.61 2.99 -27.02
C TYR A 257 11.98 2.30 -27.06
N GLU A 258 12.81 2.61 -26.09
CA GLU A 258 14.14 2.05 -26.01
C GLU A 258 14.16 0.73 -25.28
N GLN A 259 13.03 0.38 -24.66
CA GLN A 259 13.03 -0.76 -23.76
C GLN A 259 13.48 -2.05 -24.44
N PRO A 260 13.02 -2.36 -25.65
CA PRO A 260 13.44 -3.61 -26.29
C PRO A 260 14.93 -3.65 -26.34
N ASN A 261 15.53 -2.53 -26.69
CA ASN A 261 16.98 -2.51 -26.79
C ASN A 261 17.63 -2.51 -25.42
N ALA A 262 16.94 -1.87 -24.47
CA ALA A 262 17.41 -1.74 -23.09
C ALA A 262 17.51 -3.11 -22.44
N ILE A 263 16.38 -3.84 -22.52
CA ILE A 263 16.26 -5.19 -22.04
C ILE A 263 17.30 -6.12 -22.71
N LYS A 264 17.45 -5.95 -24.02
CA LYS A 264 18.45 -6.71 -24.77
C LYS A 264 19.86 -6.49 -24.17
N ASN A 265 20.13 -5.24 -23.71
CA ASN A 265 21.45 -4.95 -23.09
C ASN A 265 21.62 -5.48 -21.69
N THR A 266 20.53 -5.67 -20.98
CA THR A 266 20.57 -6.19 -19.64
C THR A 266 20.89 -7.66 -19.62
N LEU A 267 20.55 -8.37 -20.71
CA LEU A 267 20.72 -9.81 -20.81
C LEU A 267 22.12 -10.16 -21.24
N THR A 268 22.77 -9.19 -21.88
CA THR A 268 24.09 -9.32 -22.51
C THR A 268 25.14 -9.90 -21.61
N GLY A 269 25.65 -11.07 -22.02
CA GLY A 269 26.68 -11.81 -21.29
C GLY A 269 26.22 -12.39 -19.96
N ARG A 270 24.92 -12.54 -19.79
CA ARG A 270 24.41 -13.07 -18.55
C ARG A 270 23.62 -14.37 -18.81
N ILE A 271 23.42 -14.66 -20.07
CA ILE A 271 22.81 -15.89 -20.49
C ILE A 271 23.95 -16.60 -21.21
N SER A 272 24.25 -17.79 -20.71
CA SER A 272 25.45 -18.54 -21.08
C SER A 272 25.09 -20.04 -21.13
N HIS A 273 25.14 -20.62 -22.33
CA HIS A 273 24.77 -22.03 -22.51
C HIS A 273 23.28 -22.20 -22.05
N GLY A 274 22.40 -21.27 -22.41
CA GLY A 274 21.02 -21.37 -22.02
C GLY A 274 20.74 -21.05 -20.53
N GLN A 275 21.80 -20.80 -19.75
CA GLN A 275 21.65 -20.62 -18.30
C GLN A 275 22.07 -19.23 -17.84
N VAL A 276 21.43 -18.73 -16.78
CA VAL A 276 21.79 -17.43 -16.21
C VAL A 276 23.27 -17.50 -15.72
N ASP A 277 24.11 -16.60 -16.24
CA ASP A 277 25.50 -16.55 -15.81
C ASP A 277 25.85 -15.23 -15.09
N LEU A 278 25.99 -15.31 -13.78
CA LEU A 278 26.21 -14.15 -12.97
C LEU A 278 27.67 -14.15 -12.52
N SER A 279 28.52 -14.75 -13.36
CA SER A 279 29.96 -14.80 -13.08
C SER A 279 30.62 -13.45 -12.83
N GLU A 280 29.98 -12.36 -13.25
CA GLU A 280 30.53 -11.01 -13.06
C GLU A 280 30.62 -10.61 -11.57
N LEU A 281 29.80 -11.21 -10.72
CA LEU A 281 29.79 -10.91 -9.26
C LEU A 281 31.07 -11.43 -8.62
N GLY A 282 31.83 -12.24 -9.38
CA GLY A 282 33.11 -12.75 -8.93
C GLY A 282 33.10 -14.23 -8.65
N PRO A 283 34.30 -14.82 -8.62
CA PRO A 283 34.48 -16.28 -8.58
C PRO A 283 33.82 -17.04 -7.43
N ASN A 284 33.55 -16.37 -6.31
CA ASN A 284 33.06 -17.04 -5.13
C ASN A 284 31.70 -16.54 -4.73
N ALA A 285 30.93 -16.03 -5.68
CA ALA A 285 29.62 -15.44 -5.37
C ALA A 285 28.62 -16.54 -5.05
N ASP A 286 28.70 -17.63 -5.83
CA ASP A 286 27.87 -18.82 -5.61
C ASP A 286 27.99 -19.39 -4.20
N GLU A 287 29.14 -19.17 -3.59
CA GLU A 287 29.33 -19.47 -2.19
C GLU A 287 28.38 -18.68 -1.29
N LEU A 288 28.31 -17.38 -1.55
CA LEU A 288 27.47 -16.56 -0.72
C LEU A 288 25.99 -16.84 -1.06
N LEU A 289 25.65 -16.74 -2.34
CA LEU A 289 24.28 -16.93 -2.80
C LEU A 289 23.61 -18.26 -2.36
N SER A 290 24.41 -19.31 -2.18
CA SER A 290 23.93 -20.63 -1.76
C SER A 290 23.53 -20.71 -0.33
N LYS A 291 24.08 -19.83 0.47
CA LYS A 291 23.70 -19.77 1.87
C LYS A 291 22.33 -19.04 2.02
N VAL A 292 21.90 -18.30 1.02
CA VAL A 292 20.72 -17.44 1.13
C VAL A 292 19.45 -18.20 1.47
N GLU A 293 18.83 -17.90 2.60
CA GLU A 293 17.59 -18.61 2.92
C GLU A 293 16.44 -17.64 3.00
N HIS A 294 16.75 -16.36 2.83
CA HIS A 294 15.77 -15.31 2.96
C HIS A 294 16.22 -14.09 2.18
N ILE A 295 15.30 -13.34 1.60
CA ILE A 295 15.70 -12.16 0.88
C ILE A 295 14.90 -11.00 1.42
N GLN A 296 15.63 -9.91 1.69
CA GLN A 296 15.11 -8.61 2.10
C GLN A 296 15.46 -7.57 1.00
N ILE A 297 14.43 -6.83 0.55
CA ILE A 297 14.60 -5.78 -0.45
C ILE A 297 14.15 -4.44 0.16
N LEU A 298 14.94 -3.39 -0.05
CA LEU A 298 14.54 -2.06 0.40
C LEU A 298 14.59 -1.19 -0.83
N ALA A 299 13.60 -0.34 -1.03
CA ALA A 299 13.59 0.55 -2.18
C ALA A 299 12.51 1.58 -1.94
N CYS A 300 12.37 2.50 -2.87
CA CYS A 300 11.38 3.55 -2.77
C CYS A 300 10.66 3.69 -4.12
N GLY A 301 9.42 4.26 -4.07
CA GLY A 301 8.61 4.51 -5.26
C GLY A 301 8.56 3.32 -6.26
N THR A 302 8.99 3.60 -7.49
CA THR A 302 8.93 2.66 -8.55
C THR A 302 9.81 1.44 -8.31
N SER A 303 10.99 1.66 -7.75
CA SER A 303 11.97 0.59 -7.52
C SER A 303 11.39 -0.28 -6.47
N TYR A 304 10.57 0.30 -5.61
CA TYR A 304 9.88 -0.47 -4.62
C TYR A 304 8.81 -1.37 -5.29
N ASN A 305 8.15 -0.86 -6.35
CA ASN A 305 7.18 -1.66 -7.06
C ASN A 305 7.84 -2.84 -7.73
N SER A 306 9.04 -2.61 -8.25
CA SER A 306 9.75 -3.69 -8.93
C SER A 306 10.09 -4.78 -7.93
N GLY A 307 10.50 -4.38 -6.72
CA GLY A 307 10.74 -5.30 -5.63
C GLY A 307 9.49 -6.11 -5.31
N MET A 308 8.34 -5.44 -5.28
CA MET A 308 7.08 -6.07 -4.92
C MET A 308 6.76 -7.12 -5.99
N VAL A 309 7.02 -6.81 -7.26
CA VAL A 309 6.82 -7.83 -8.29
C VAL A 309 7.69 -9.04 -7.98
N SER A 310 9.01 -8.82 -7.84
CA SER A 310 9.98 -9.93 -7.67
C SER A 310 9.63 -10.86 -6.51
N ARG A 311 8.93 -10.32 -5.51
CA ARG A 311 8.55 -11.10 -4.37
C ARG A 311 7.65 -12.25 -4.73
N TYR A 312 6.73 -12.03 -5.65
CA TYR A 312 5.89 -13.12 -6.11
C TYR A 312 6.77 -14.17 -6.81
N TRP A 313 7.78 -13.74 -7.59
CA TRP A 313 8.72 -14.64 -8.27
C TRP A 313 9.65 -15.49 -7.32
N PHE A 314 10.32 -14.83 -6.38
CA PHE A 314 11.16 -15.54 -5.42
C PHE A 314 10.34 -16.62 -4.68
N GLU A 315 9.22 -16.22 -4.12
CA GLU A 315 8.42 -17.15 -3.35
C GLU A 315 7.79 -18.27 -4.19
N SER A 316 7.22 -17.97 -5.36
CA SER A 316 6.54 -19.02 -6.11
C SER A 316 7.47 -19.82 -6.99
N LEU A 317 8.46 -19.18 -7.59
CA LEU A 317 9.31 -19.94 -8.49
C LEU A 317 10.44 -20.61 -7.77
N ALA A 318 11.17 -19.87 -6.94
CA ALA A 318 12.38 -20.39 -6.26
C ALA A 318 12.14 -20.88 -4.82
N GLY A 319 10.93 -20.62 -4.30
CA GLY A 319 10.53 -21.04 -2.97
C GLY A 319 11.27 -20.34 -1.83
N ILE A 320 11.79 -19.14 -2.10
CA ILE A 320 12.69 -18.44 -1.18
C ILE A 320 11.93 -17.28 -0.57
N PRO A 321 11.82 -17.25 0.77
CA PRO A 321 11.11 -16.14 1.45
C PRO A 321 11.64 -14.78 1.07
N CYS A 322 10.73 -13.89 0.69
CA CYS A 322 11.10 -12.57 0.28
C CYS A 322 10.23 -11.54 0.99
N ASP A 323 10.87 -10.47 1.47
CA ASP A 323 10.22 -9.33 2.12
C ASP A 323 10.70 -8.08 1.44
N VAL A 324 9.75 -7.19 1.12
CA VAL A 324 10.05 -5.98 0.40
C VAL A 324 9.46 -4.87 1.26
N GLU A 325 10.23 -3.81 1.51
CA GLU A 325 9.81 -2.74 2.40
C GLU A 325 10.26 -1.41 1.88
N ILE A 326 9.39 -0.42 2.06
CA ILE A 326 9.65 1.01 1.82
C ILE A 326 10.91 1.28 2.67
N ALA A 327 11.99 1.70 2.03
CA ALA A 327 13.26 1.96 2.74
C ALA A 327 13.19 2.85 3.99
N SER A 328 12.38 3.91 3.90
CA SER A 328 12.39 4.93 4.95
C SER A 328 11.72 4.33 6.16
N GLU A 329 10.77 3.41 5.91
CA GLU A 329 10.13 2.69 7.04
C GLU A 329 11.02 1.67 7.76
N PHE A 330 11.91 1.03 6.99
CA PHE A 330 12.75 -0.04 7.52
C PHE A 330 13.80 0.61 8.39
N ARG A 331 14.35 1.72 7.89
CA ARG A 331 15.41 2.47 8.55
C ARG A 331 15.09 2.75 10.01
N TYR A 332 13.85 3.07 10.33
CA TYR A 332 13.53 3.61 11.68
C TYR A 332 12.64 2.76 12.52
N ARG A 333 12.52 1.47 12.23
CA ARG A 333 11.86 0.55 13.18
C ARG A 333 12.88 -0.49 13.58
N LYS A 334 12.72 -1.08 14.74
CA LYS A 334 13.60 -2.16 15.10
C LYS A 334 12.97 -3.43 14.52
N SER A 335 13.69 -4.07 13.61
CA SER A 335 13.13 -5.18 12.88
C SER A 335 13.71 -6.46 13.37
N ALA A 336 12.95 -7.55 13.20
CA ALA A 336 13.38 -8.86 13.65
C ALA A 336 14.58 -9.42 12.91
N VAL A 337 14.59 -9.40 11.60
CA VAL A 337 15.74 -9.97 10.85
C VAL A 337 15.89 -11.47 10.98
N ARG A 338 15.94 -12.06 9.78
CA ARG A 338 15.89 -13.48 9.65
C ARG A 338 17.29 -14.04 9.45
N ARG A 339 17.34 -15.35 9.60
CA ARG A 339 18.53 -16.13 9.44
C ARG A 339 18.96 -16.16 7.97
N ASN A 340 20.26 -15.97 7.71
CA ASN A 340 20.83 -16.13 6.37
C ASN A 340 20.11 -15.28 5.30
N SER A 341 19.95 -13.98 5.62
CA SER A 341 19.17 -13.06 4.83
C SER A 341 20.11 -12.28 3.96
N LEU A 342 19.79 -12.20 2.66
CA LEU A 342 20.55 -11.35 1.72
C LEU A 342 19.86 -10.00 1.61
N MET A 343 20.64 -8.90 1.72
CA MET A 343 20.08 -7.55 1.57
C MET A 343 20.17 -7.09 0.15
N ILE A 344 19.05 -6.72 -0.43
CA ILE A 344 19.02 -6.23 -1.80
C ILE A 344 18.45 -4.84 -1.85
N THR A 345 19.14 -3.95 -2.52
CA THR A 345 18.56 -2.61 -2.78
C THR A 345 18.27 -2.45 -4.23
N LEU A 346 17.19 -1.75 -4.58
CA LEU A 346 16.84 -1.53 -5.97
C LEU A 346 16.78 -0.05 -6.10
N SER A 347 17.48 0.48 -7.12
CA SER A 347 17.56 1.90 -7.34
C SER A 347 18.13 2.20 -8.74
N GLN A 348 17.41 3.06 -9.46
CA GLN A 348 17.87 3.52 -10.73
C GLN A 348 19.15 4.38 -10.56
N SER A 349 19.06 5.34 -9.69
CA SER A 349 20.09 6.37 -9.60
C SER A 349 21.27 5.96 -8.77
N GLY A 350 21.04 5.09 -7.80
CA GLY A 350 22.03 4.76 -6.81
C GLY A 350 22.28 5.90 -5.86
N GLU A 351 21.39 6.88 -5.82
CA GLU A 351 21.67 8.07 -4.96
C GLU A 351 20.52 8.40 -3.98
N THR A 352 19.49 7.56 -3.98
CA THR A 352 18.32 7.81 -3.17
C THR A 352 18.68 7.74 -1.73
N ALA A 353 18.38 8.79 -0.97
CA ALA A 353 18.76 8.86 0.45
C ALA A 353 18.11 7.81 1.33
N ASP A 354 16.83 7.57 1.15
CA ASP A 354 16.12 6.61 1.98
C ASP A 354 16.71 5.23 1.79
N THR A 355 17.00 4.86 0.54
CA THR A 355 17.50 3.53 0.19
C THR A 355 18.88 3.37 0.74
N LEU A 356 19.68 4.42 0.61
CA LEU A 356 21.03 4.42 1.18
C LEU A 356 21.01 4.22 2.67
N ALA A 357 20.12 4.95 3.34
CA ALA A 357 20.10 4.93 4.82
C ALA A 357 19.75 3.49 5.24
N GLY A 358 18.89 2.83 4.48
CA GLY A 358 18.56 1.45 4.77
C GLY A 358 19.76 0.57 4.65
N LEU A 359 20.55 0.82 3.63
CA LEU A 359 21.62 -0.05 3.39
C LEU A 359 22.57 0.13 4.56
N ARG A 360 22.88 1.39 4.85
CA ARG A 360 23.85 1.69 5.90
C ARG A 360 23.41 1.09 7.21
N LEU A 361 22.14 1.21 7.56
CA LEU A 361 21.66 0.55 8.74
C LEU A 361 21.89 -0.98 8.61
N SER A 362 21.60 -1.56 7.46
CA SER A 362 21.74 -3.02 7.30
C SER A 362 23.11 -3.55 7.66
N LYS A 363 24.13 -2.70 7.59
CA LYS A 363 25.51 -3.13 7.85
C LYS A 363 25.73 -3.51 9.30
N GLU A 364 24.86 -3.03 10.18
CA GLU A 364 24.99 -3.27 11.58
C GLU A 364 24.18 -4.47 12.01
N LEU A 365 23.47 -5.09 11.09
CA LEU A 365 22.42 -6.02 11.47
C LEU A 365 22.76 -7.47 11.14
N GLY A 366 23.88 -7.64 10.45
CA GLY A 366 24.34 -8.97 10.13
C GLY A 366 23.56 -9.79 9.11
N TYR A 367 23.32 -9.20 7.94
CA TYR A 367 22.84 -9.90 6.77
C TYR A 367 24.04 -10.69 6.24
N LEU A 368 23.89 -11.50 5.21
CA LEU A 368 25.05 -12.23 4.68
C LEU A 368 25.85 -11.33 3.79
N GLY A 369 25.18 -10.36 3.17
CA GLY A 369 25.85 -9.45 2.25
C GLY A 369 24.80 -8.51 1.69
N SER A 370 25.25 -7.44 1.04
CA SER A 370 24.37 -6.57 0.30
C SER A 370 24.61 -6.68 -1.22
N LEU A 371 23.52 -6.76 -1.98
CA LEU A 371 23.56 -6.68 -3.44
C LEU A 371 22.85 -5.39 -3.89
N ALA A 372 23.46 -4.66 -4.82
CA ALA A 372 22.76 -3.49 -5.39
C ALA A 372 22.36 -3.79 -6.84
N ILE A 373 21.08 -3.68 -7.14
CA ILE A 373 20.65 -3.69 -8.54
C ILE A 373 20.45 -2.23 -8.92
N CYS A 374 21.37 -1.70 -9.72
CA CYS A 374 21.45 -0.27 -9.99
C CYS A 374 21.64 0.00 -11.48
N ASN A 375 21.30 1.21 -11.89
CA ASN A 375 21.55 1.63 -13.26
C ASN A 375 22.65 2.70 -13.47
N VAL A 376 23.27 3.23 -12.40
CA VAL A 376 24.30 4.24 -12.58
C VAL A 376 25.63 3.79 -11.97
N PRO A 377 26.59 3.41 -12.78
CA PRO A 377 27.83 2.99 -12.15
C PRO A 377 28.50 4.12 -11.32
N GLY A 378 29.31 3.70 -10.35
CA GLY A 378 30.00 4.61 -9.47
C GLY A 378 29.08 5.31 -8.50
N SER A 379 27.79 5.01 -8.50
CA SER A 379 26.89 5.71 -7.63
C SER A 379 27.05 5.30 -6.17
N SER A 380 26.47 6.07 -5.28
CA SER A 380 26.61 5.82 -3.86
C SER A 380 26.23 4.38 -3.50
N LEU A 381 25.06 3.95 -3.91
CA LEU A 381 24.57 2.61 -3.54
C LEU A 381 25.49 1.54 -4.01
N VAL A 382 26.10 1.77 -5.19
CA VAL A 382 27.09 0.81 -5.73
C VAL A 382 28.39 0.76 -4.94
N ARG A 383 28.99 1.91 -4.67
CA ARG A 383 30.24 1.97 -3.89
C ARG A 383 30.07 1.34 -2.49
N GLU A 384 28.89 1.50 -1.88
CA GLU A 384 28.61 1.03 -0.55
C GLU A 384 28.03 -0.39 -0.42
N SER A 385 27.69 -1.06 -1.53
CA SER A 385 27.24 -2.46 -1.45
C SER A 385 28.41 -3.44 -1.64
N ASP A 386 28.12 -4.69 -1.28
CA ASP A 386 29.13 -5.70 -1.33
C ASP A 386 29.31 -6.04 -2.76
N LEU A 387 28.14 -6.29 -3.38
CA LEU A 387 27.97 -6.84 -4.73
C LEU A 387 27.03 -5.93 -5.53
N ALA A 388 27.24 -5.84 -6.86
CA ALA A 388 26.34 -5.06 -7.69
C ALA A 388 25.99 -5.74 -8.97
N LEU A 389 24.71 -5.61 -9.33
CA LEU A 389 24.29 -6.01 -10.69
C LEU A 389 23.80 -4.76 -11.46
N MET A 390 24.55 -4.31 -12.47
CA MET A 390 24.17 -3.13 -13.25
C MET A 390 23.07 -3.48 -14.29
N THR A 391 21.96 -2.73 -14.30
CA THR A 391 20.91 -2.94 -15.33
C THR A 391 21.29 -2.55 -16.79
N ASN A 392 22.31 -1.74 -16.97
CA ASN A 392 22.81 -1.38 -18.32
C ASN A 392 21.78 -0.86 -19.35
N ALA A 393 20.81 -0.08 -18.91
CA ALA A 393 19.77 0.46 -19.75
C ALA A 393 20.16 1.77 -20.44
N GLY A 394 21.29 2.34 -20.07
CA GLY A 394 21.66 3.65 -20.55
C GLY A 394 21.01 4.71 -19.65
N THR A 395 21.54 5.92 -19.75
CA THR A 395 20.97 7.00 -19.02
C THR A 395 19.43 7.22 -19.22
N GLU A 396 18.77 7.40 -18.09
CA GLU A 396 17.35 7.70 -18.06
C GLU A 396 17.15 9.10 -17.56
N ILE A 397 16.59 10.00 -18.37
CA ILE A 397 16.44 11.39 -17.95
C ILE A 397 15.08 11.77 -17.37
N GLY A 398 14.01 11.28 -17.97
CA GLY A 398 12.69 11.63 -17.49
C GLY A 398 12.55 11.13 -16.07
N VAL A 399 11.89 11.94 -15.27
CA VAL A 399 11.71 11.66 -13.84
C VAL A 399 10.97 10.36 -13.66
N ALA A 400 10.04 10.11 -14.56
CA ALA A 400 9.25 8.91 -14.52
C ALA A 400 10.08 7.73 -15.06
N SER A 401 10.51 6.90 -14.14
CA SER A 401 11.23 5.70 -14.51
C SER A 401 10.44 4.86 -15.52
N THR A 402 11.10 4.48 -16.63
CA THR A 402 10.46 3.51 -17.49
C THR A 402 11.37 2.32 -17.82
N LYS A 403 12.37 2.50 -18.68
CA LYS A 403 13.31 1.45 -18.98
C LYS A 403 14.03 0.95 -17.73
N ALA A 404 14.20 1.83 -16.71
CA ALA A 404 14.78 1.42 -15.43
C ALA A 404 13.91 0.38 -14.70
N PHE A 405 12.61 0.57 -14.76
CA PHE A 405 11.69 -0.35 -14.09
C PHE A 405 11.76 -1.68 -14.77
N THR A 406 11.69 -1.69 -16.11
CA THR A 406 11.64 -2.98 -16.78
C THR A 406 13.01 -3.69 -16.80
N THR A 407 14.12 -2.92 -16.84
CA THR A 407 15.41 -3.60 -16.77
C THR A 407 15.68 -4.17 -15.37
N GLN A 408 15.16 -3.47 -14.39
CA GLN A 408 15.24 -3.89 -12.99
C GLN A 408 14.50 -5.22 -12.81
N LEU A 409 13.26 -5.29 -13.31
CA LEU A 409 12.48 -6.53 -13.20
C LEU A 409 13.20 -7.64 -14.01
N THR A 410 13.86 -7.26 -15.08
CA THR A 410 14.55 -8.28 -15.88
C THR A 410 15.67 -8.90 -15.04
N VAL A 411 16.50 -8.04 -14.43
CA VAL A 411 17.57 -8.48 -13.54
C VAL A 411 17.05 -9.26 -12.32
N LEU A 412 15.89 -8.87 -11.80
CA LEU A 412 15.38 -9.63 -10.66
C LEU A 412 15.06 -11.07 -11.05
N LEU A 413 14.48 -11.26 -12.23
CA LEU A 413 14.06 -12.56 -12.68
C LEU A 413 15.25 -13.45 -12.94
N MET A 414 16.33 -12.87 -13.46
CA MET A 414 17.56 -13.65 -13.66
C MET A 414 18.19 -14.09 -12.33
N LEU A 415 17.98 -13.30 -11.29
CA LEU A 415 18.39 -13.68 -9.94
C LEU A 415 17.52 -14.87 -9.43
N VAL A 416 16.20 -14.80 -9.68
CA VAL A 416 15.26 -15.82 -9.26
C VAL A 416 15.71 -17.10 -9.93
N ALA A 417 16.05 -16.99 -11.22
CA ALA A 417 16.51 -18.16 -11.97
C ALA A 417 17.81 -18.73 -11.38
N LYS A 418 18.79 -17.86 -11.16
CA LYS A 418 20.05 -18.27 -10.62
C LYS A 418 19.88 -18.96 -9.26
N LEU A 419 19.04 -18.42 -8.38
CA LEU A 419 18.90 -19.02 -7.04
C LEU A 419 18.14 -20.36 -7.04
N SER A 420 17.18 -20.50 -7.93
CA SER A 420 16.50 -21.79 -8.12
C SER A 420 17.49 -22.90 -8.41
N ARG A 421 18.51 -22.63 -9.23
CA ARG A 421 19.58 -23.57 -9.54
C ARG A 421 20.55 -23.85 -8.37
N LEU A 422 20.82 -22.83 -7.55
CA LEU A 422 21.68 -23.05 -6.41
C LEU A 422 20.95 -23.80 -5.29
N LYS A 423 19.61 -23.79 -5.32
CA LYS A 423 18.85 -24.44 -4.29
C LYS A 423 18.75 -25.86 -4.71
N GLY A 424 18.95 -26.06 -6.01
CA GLY A 424 18.88 -27.40 -6.58
C GLY A 424 17.45 -27.74 -6.93
N LEU A 425 16.75 -26.76 -7.52
CA LEU A 425 15.39 -27.01 -8.00
C LEU A 425 15.40 -27.47 -9.45
N ASP A 426 14.25 -27.88 -9.97
CA ASP A 426 14.10 -28.25 -11.40
C ASP A 426 14.69 -27.20 -12.38
N ALA A 427 15.73 -27.60 -13.10
CA ALA A 427 16.42 -26.77 -14.12
C ALA A 427 15.44 -26.15 -15.13
N SER A 428 14.31 -26.82 -15.30
CA SER A 428 13.14 -26.31 -16.03
C SER A 428 12.62 -24.93 -15.56
N ILE A 429 12.69 -24.63 -14.26
CA ILE A 429 12.24 -23.31 -13.75
C ILE A 429 13.06 -22.20 -14.36
N GLU A 430 14.38 -22.38 -14.34
CA GLU A 430 15.25 -21.41 -14.97
C GLU A 430 15.00 -21.40 -16.48
N HIS A 431 14.86 -22.58 -17.06
CA HIS A 431 14.62 -22.66 -18.50
C HIS A 431 13.44 -21.83 -18.95
N ASP A 432 12.32 -21.89 -18.22
CA ASP A 432 11.12 -21.16 -18.60
C ASP A 432 11.37 -19.68 -18.41
N ILE A 433 12.09 -19.31 -17.35
CA ILE A 433 12.53 -17.92 -17.15
C ILE A 433 13.45 -17.44 -18.28
N VAL A 434 14.37 -18.28 -18.72
CA VAL A 434 15.31 -17.77 -19.71
C VAL A 434 14.60 -17.56 -21.06
N HIS A 435 13.70 -18.49 -21.37
CA HIS A 435 12.91 -18.48 -22.59
C HIS A 435 12.03 -17.22 -22.58
N GLY A 436 11.47 -16.92 -21.42
CA GLY A 436 10.67 -15.72 -21.33
C GLY A 436 11.50 -14.48 -21.61
N LEU A 437 12.58 -14.33 -20.86
CA LEU A 437 13.38 -13.13 -20.98
C LEU A 437 13.87 -12.87 -22.39
N GLN A 438 14.31 -13.92 -23.08
CA GLN A 438 14.82 -13.79 -24.46
C GLN A 438 13.73 -13.28 -25.40
N ALA A 439 12.50 -13.55 -25.02
CA ALA A 439 11.37 -13.21 -25.87
C ALA A 439 10.93 -11.77 -25.67
N LEU A 440 10.99 -11.31 -24.41
CA LEU A 440 10.56 -9.97 -23.98
C LEU A 440 10.90 -8.86 -24.99
N PRO A 441 12.16 -8.64 -25.33
CA PRO A 441 12.46 -7.54 -26.26
C PRO A 441 11.47 -7.49 -27.43
N SER A 442 11.29 -8.61 -28.16
CA SER A 442 10.33 -8.56 -29.25
C SER A 442 8.86 -8.57 -28.80
N ARG A 443 8.57 -9.03 -27.60
CA ARG A 443 7.22 -8.99 -27.11
C ARG A 443 6.82 -7.54 -26.91
N ILE A 444 7.71 -6.77 -26.27
CA ILE A 444 7.52 -5.37 -26.03
C ILE A 444 7.49 -4.59 -27.34
N GLU A 445 8.41 -4.95 -28.25
CA GLU A 445 8.51 -4.25 -29.51
C GLU A 445 7.14 -4.27 -30.17
N GLN A 446 6.35 -5.30 -29.86
CA GLN A 446 5.03 -5.47 -30.46
C GLN A 446 3.90 -4.74 -29.72
N MET A 447 4.01 -4.69 -28.40
CA MET A 447 3.20 -3.85 -27.54
C MET A 447 3.32 -2.39 -28.05
N LEU A 448 4.53 -1.98 -28.43
CA LEU A 448 4.72 -0.57 -28.88
C LEU A 448 3.84 -0.21 -30.03
N SER A 449 3.46 -1.19 -30.84
CA SER A 449 2.77 -0.89 -32.08
C SER A 449 1.28 -0.61 -31.87
N GLN A 450 0.82 -0.85 -30.64
CA GLN A 450 -0.53 -0.48 -30.19
C GLN A 450 -0.62 0.92 -29.56
N ASP A 451 0.44 1.67 -29.72
CA ASP A 451 0.51 3.05 -29.26
C ASP A 451 -0.70 3.91 -29.68
N LYS A 452 -1.05 3.84 -30.96
CA LYS A 452 -2.15 4.62 -31.48
C LYS A 452 -3.45 4.43 -30.71
N ARG A 453 -3.74 3.19 -30.33
CA ARG A 453 -4.98 2.89 -29.63
C ARG A 453 -4.93 3.43 -28.21
N ILE A 454 -3.74 3.42 -27.62
CA ILE A 454 -3.58 3.89 -26.25
C ILE A 454 -3.80 5.38 -26.25
N GLU A 455 -3.17 6.05 -27.21
CA GLU A 455 -3.34 7.50 -27.44
C GLU A 455 -4.80 7.90 -27.59
N ALA A 456 -5.56 7.17 -28.40
CA ALA A 456 -6.98 7.47 -28.56
C ALA A 456 -7.75 7.32 -27.24
N LEU A 457 -7.46 6.26 -26.51
CA LEU A 457 -8.07 5.99 -25.26
C LEU A 457 -7.77 7.11 -24.27
N ALA A 458 -6.56 7.69 -24.36
CA ALA A 458 -6.07 8.65 -23.40
C ALA A 458 -6.98 9.88 -23.41
N GLU A 459 -7.60 10.16 -24.55
CA GLU A 459 -8.47 11.32 -24.65
C GLU A 459 -9.56 11.31 -23.58
N ASP A 460 -9.86 10.14 -23.07
CA ASP A 460 -10.97 9.99 -22.16
C ASP A 460 -10.64 10.53 -20.76
N PHE A 461 -9.36 10.72 -20.48
CA PHE A 461 -8.94 11.18 -19.18
C PHE A 461 -8.72 12.69 -19.23
N SER A 462 -9.11 13.34 -20.33
CA SER A 462 -8.83 14.78 -20.45
C SER A 462 -9.51 15.68 -19.38
N ASP A 463 -10.75 15.38 -19.05
CA ASP A 463 -11.40 16.09 -17.94
C ASP A 463 -11.44 15.26 -16.63
N LYS A 464 -10.67 14.21 -16.50
CA LYS A 464 -10.70 13.34 -15.31
C LYS A 464 -9.72 13.82 -14.23
N HIS A 465 -10.10 13.73 -12.95
CA HIS A 465 -9.28 14.12 -11.80
C HIS A 465 -8.98 12.96 -10.84
N HIS A 466 -9.48 11.77 -11.21
CA HIS A 466 -9.23 10.54 -10.48
C HIS A 466 -9.18 9.37 -11.41
N ALA A 467 -8.58 8.29 -10.90
CA ALA A 467 -8.43 7.04 -11.62
C ALA A 467 -8.05 5.98 -10.60
N LEU A 468 -8.76 4.85 -10.59
CA LEU A 468 -8.36 3.64 -9.83
C LEU A 468 -7.66 2.65 -10.74
N PHE A 469 -6.55 2.10 -10.27
CA PHE A 469 -5.92 0.95 -10.94
C PHE A 469 -6.15 -0.39 -10.17
N LEU A 470 -6.40 -1.47 -10.90
CA LEU A 470 -6.62 -2.76 -10.28
C LEU A 470 -5.71 -3.85 -10.85
N GLY A 471 -5.17 -4.71 -9.97
CA GLY A 471 -4.44 -5.89 -10.44
C GLY A 471 -4.44 -7.01 -9.43
N ARG A 472 -4.14 -8.20 -9.90
CA ARG A 472 -4.12 -9.39 -9.05
C ARG A 472 -2.81 -10.12 -9.22
N GLY A 473 -2.39 -10.70 -8.09
CA GLY A 473 -1.20 -11.49 -8.03
C GLY A 473 -0.02 -10.63 -8.39
N ASP A 474 0.83 -11.15 -9.28
CA ASP A 474 2.07 -10.45 -9.64
C ASP A 474 1.80 -9.23 -10.53
N GLN A 475 0.53 -9.03 -10.86
CA GLN A 475 0.05 -7.85 -11.61
C GLN A 475 -0.40 -6.71 -10.67
N TYR A 476 -0.67 -7.06 -9.43
CA TYR A 476 -0.91 -6.03 -8.42
C TYR A 476 0.17 -4.94 -8.35
N PRO A 477 1.41 -5.28 -8.15
CA PRO A 477 2.44 -4.21 -8.13
C PRO A 477 2.49 -3.53 -9.49
N ILE A 478 2.02 -4.18 -10.56
CA ILE A 478 1.84 -3.49 -11.84
C ILE A 478 0.77 -2.39 -11.81
N ALA A 479 -0.37 -2.66 -11.13
CA ALA A 479 -1.34 -1.62 -10.88
C ALA A 479 -0.71 -0.43 -10.11
N LEU A 480 0.14 -0.73 -9.12
CA LEU A 480 0.77 0.31 -8.32
C LEU A 480 1.64 1.20 -9.18
N GLU A 481 2.43 0.58 -10.05
CA GLU A 481 3.34 1.32 -10.94
C GLU A 481 2.52 2.15 -11.95
N GLY A 482 1.44 1.56 -12.45
CA GLY A 482 0.54 2.30 -13.30
C GLY A 482 -0.01 3.55 -12.68
N ALA A 483 -0.63 3.43 -11.51
CA ALA A 483 -1.12 4.60 -10.81
C ALA A 483 -0.04 5.63 -10.50
N LEU A 484 1.12 5.22 -10.02
CA LEU A 484 2.23 6.11 -9.76
C LEU A 484 2.67 6.88 -11.01
N LYS A 485 2.78 6.19 -12.14
CA LYS A 485 3.17 6.89 -13.34
C LYS A 485 2.19 7.97 -13.67
N LEU A 486 0.88 7.67 -13.50
CA LEU A 486 -0.16 8.56 -13.98
C LEU A 486 -0.30 9.74 -13.06
N LYS A 487 -0.18 9.54 -11.76
CA LYS A 487 -0.26 10.68 -10.86
C LYS A 487 0.99 11.59 -10.95
N GLU A 488 2.12 10.98 -11.23
CA GLU A 488 3.36 11.70 -11.28
C GLU A 488 3.42 12.70 -12.42
N ILE A 489 3.11 12.31 -13.63
CA ILE A 489 3.29 13.21 -14.73
C ILE A 489 2.02 13.87 -15.20
N SER A 490 0.81 13.36 -14.85
CA SER A 490 -0.46 14.02 -15.30
C SER A 490 -1.12 14.76 -14.20
N TYR A 491 -0.70 14.49 -12.97
CA TYR A 491 -1.33 15.02 -11.75
C TYR A 491 -2.73 14.52 -11.54
N ILE A 492 -3.18 13.52 -12.28
CA ILE A 492 -4.46 12.91 -11.95
C ILE A 492 -4.30 12.15 -10.60
N HIS A 493 -5.29 12.23 -9.75
CA HIS A 493 -5.20 11.53 -8.51
C HIS A 493 -5.48 10.07 -8.77
N ALA A 494 -4.42 9.34 -9.10
CA ALA A 494 -4.54 7.96 -9.48
C ALA A 494 -4.15 7.08 -8.31
N GLU A 495 -4.77 5.93 -8.15
CA GLU A 495 -4.54 5.14 -6.95
C GLU A 495 -4.69 3.65 -7.31
N ALA A 496 -3.82 2.77 -6.78
CA ALA A 496 -3.93 1.35 -7.11
C ALA A 496 -4.38 0.53 -5.96
N TYR A 497 -4.99 -0.61 -6.26
CA TYR A 497 -5.48 -1.53 -5.24
C TYR A 497 -5.35 -2.91 -5.82
N ALA A 498 -5.04 -3.85 -4.95
CA ALA A 498 -5.17 -5.24 -5.31
C ALA A 498 -6.64 -5.41 -5.61
N ALA A 499 -6.93 -5.96 -6.75
CA ALA A 499 -8.30 -6.08 -7.23
C ALA A 499 -9.30 -6.59 -6.16
N GLY A 500 -8.92 -7.57 -5.33
CA GLY A 500 -9.81 -8.08 -4.27
C GLY A 500 -10.05 -7.10 -3.11
N GLU A 501 -9.16 -6.14 -2.92
CA GLU A 501 -9.34 -5.21 -1.82
C GLU A 501 -10.43 -4.14 -2.00
N LEU A 502 -10.73 -3.76 -3.24
CA LEU A 502 -11.55 -2.59 -3.52
C LEU A 502 -12.87 -2.63 -2.82
N LYS A 503 -13.44 -3.81 -2.76
CA LYS A 503 -14.77 -3.91 -2.26
C LYS A 503 -14.86 -3.65 -0.74
N HIS A 504 -13.69 -3.57 -0.11
CA HIS A 504 -13.67 -3.65 1.34
C HIS A 504 -13.64 -2.24 1.87
N GLY A 505 -14.17 -1.27 1.12
CA GLY A 505 -14.25 0.11 1.55
C GLY A 505 -14.20 1.06 0.37
N PRO A 506 -13.09 1.00 -0.34
CA PRO A 506 -12.81 1.97 -1.42
C PRO A 506 -13.77 1.91 -2.58
N LEU A 507 -14.58 0.87 -2.63
CA LEU A 507 -15.57 0.75 -3.71
C LEU A 507 -16.55 1.91 -3.68
N ALA A 508 -16.59 2.61 -2.57
CA ALA A 508 -17.58 3.67 -2.38
C ALA A 508 -17.18 4.93 -3.24
N LEU A 509 -15.97 4.93 -3.81
CA LEU A 509 -15.50 6.05 -4.65
C LEU A 509 -16.08 5.90 -6.05
N ILE A 510 -16.51 4.69 -6.35
CA ILE A 510 -17.07 4.40 -7.66
C ILE A 510 -18.42 5.11 -7.93
N ASP A 511 -18.43 5.92 -8.99
CA ASP A 511 -19.64 6.51 -9.56
C ASP A 511 -19.50 6.45 -11.09
N ALA A 512 -20.53 6.92 -11.82
CA ALA A 512 -20.52 7.00 -13.29
C ALA A 512 -19.26 7.67 -13.84
N ASP A 513 -18.61 8.52 -13.06
CA ASP A 513 -17.45 9.23 -13.58
C ASP A 513 -16.07 8.69 -13.28
N MET A 514 -15.97 7.60 -12.53
CA MET A 514 -14.66 7.14 -12.07
C MET A 514 -14.05 6.16 -13.08
N PRO A 515 -12.93 6.48 -13.70
CA PRO A 515 -12.35 5.47 -14.61
C PRO A 515 -11.57 4.43 -13.79
N VAL A 516 -11.59 3.19 -14.26
CA VAL A 516 -10.86 2.15 -13.52
C VAL A 516 -10.02 1.38 -14.52
N ILE A 517 -8.70 1.43 -14.33
CA ILE A 517 -7.76 0.81 -15.25
C ILE A 517 -7.42 -0.55 -14.72
N VAL A 518 -7.33 -1.53 -15.59
CA VAL A 518 -7.14 -2.91 -15.20
C VAL A 518 -6.21 -3.65 -16.16
N VAL A 519 -5.21 -4.34 -15.61
CA VAL A 519 -4.40 -5.27 -16.41
C VAL A 519 -4.93 -6.72 -16.24
N ALA A 520 -5.19 -7.42 -17.33
CA ALA A 520 -5.76 -8.76 -17.18
C ALA A 520 -5.09 -9.79 -18.10
N PRO A 521 -4.01 -10.44 -17.68
CA PRO A 521 -3.44 -11.50 -18.51
C PRO A 521 -4.34 -12.70 -18.48
N ASN A 522 -4.16 -13.60 -19.45
CA ASN A 522 -4.96 -14.77 -19.45
C ASN A 522 -4.31 -15.87 -18.60
N ASN A 523 -4.61 -15.82 -17.29
CA ASN A 523 -4.04 -16.76 -16.31
C ASN A 523 -5.07 -17.41 -15.32
N GLU A 524 -4.59 -18.16 -14.34
CA GLU A 524 -5.50 -18.82 -13.40
C GLU A 524 -6.35 -17.86 -12.55
N LEU A 525 -5.83 -16.65 -12.31
CA LEU A 525 -6.54 -15.60 -11.60
C LEU A 525 -7.66 -14.89 -12.41
N LEU A 526 -7.74 -15.14 -13.73
CA LEU A 526 -8.69 -14.40 -14.58
C LEU A 526 -10.17 -14.38 -14.18
N GLU A 527 -10.74 -15.51 -13.84
CA GLU A 527 -12.14 -15.52 -13.44
C GLU A 527 -12.37 -14.71 -12.15
N LYS A 528 -11.39 -14.72 -11.25
CA LYS A 528 -11.54 -14.08 -9.97
C LYS A 528 -11.46 -12.59 -10.25
N LEU A 529 -10.57 -12.22 -11.18
CA LEU A 529 -10.37 -10.81 -11.48
C LEU A 529 -11.63 -10.23 -12.21
N LYS A 530 -12.26 -11.06 -13.03
CA LYS A 530 -13.43 -10.69 -13.80
C LYS A 530 -14.59 -10.38 -12.86
N SER A 531 -14.68 -11.09 -11.76
CA SER A 531 -15.76 -10.82 -10.84
C SER A 531 -15.50 -9.52 -10.05
N ASN A 532 -14.23 -9.17 -9.83
CA ASN A 532 -13.96 -7.84 -9.28
C ASN A 532 -14.34 -6.75 -10.27
N ILE A 533 -14.04 -6.96 -11.54
CA ILE A 533 -14.46 -6.07 -12.59
C ILE A 533 -15.97 -5.89 -12.60
N GLU A 534 -16.70 -6.99 -12.55
CA GLU A 534 -18.14 -6.89 -12.53
C GLU A 534 -18.60 -6.10 -11.31
N GLU A 535 -17.96 -6.26 -10.16
CA GLU A 535 -18.38 -5.51 -8.99
C GLU A 535 -18.34 -4.01 -9.26
N VAL A 536 -17.32 -3.56 -9.99
CA VAL A 536 -17.15 -2.15 -10.30
C VAL A 536 -18.23 -1.69 -11.29
N ARG A 537 -18.49 -2.47 -12.32
CA ARG A 537 -19.49 -2.13 -13.31
C ARG A 537 -20.85 -2.04 -12.72
N ALA A 538 -21.15 -2.93 -11.79
CA ALA A 538 -22.45 -2.89 -11.11
C ALA A 538 -22.71 -1.55 -10.40
N ARG A 539 -21.63 -0.86 -10.02
CA ARG A 539 -21.74 0.44 -9.37
C ARG A 539 -21.58 1.66 -10.34
N GLY A 540 -21.31 1.39 -11.62
CA GLY A 540 -21.32 2.41 -12.65
C GLY A 540 -19.95 2.88 -13.06
N GLY A 541 -18.90 2.17 -12.67
CA GLY A 541 -17.55 2.57 -13.05
C GLY A 541 -17.27 2.40 -14.54
N GLN A 542 -16.33 3.19 -15.06
CA GLN A 542 -16.00 3.03 -16.46
C GLN A 542 -14.66 2.34 -16.55
N LEU A 543 -14.65 1.19 -17.20
CA LEU A 543 -13.48 0.35 -17.16
C LEU A 543 -12.57 0.45 -18.36
N TYR A 544 -11.28 0.30 -18.15
CA TYR A 544 -10.31 0.35 -19.24
C TYR A 544 -9.41 -0.87 -19.03
N VAL A 545 -9.58 -1.90 -19.85
CA VAL A 545 -8.95 -3.19 -19.54
C VAL A 545 -7.94 -3.46 -20.60
N PHE A 546 -6.71 -3.62 -20.19
CA PHE A 546 -5.67 -4.04 -21.08
C PHE A 546 -5.62 -5.54 -20.93
N ALA A 547 -6.37 -6.20 -21.81
CA ALA A 547 -6.60 -7.63 -21.70
C ALA A 547 -6.00 -8.50 -22.82
N ASP A 548 -5.61 -9.69 -22.43
CA ASP A 548 -5.10 -10.61 -23.37
C ASP A 548 -6.20 -10.87 -24.40
N GLN A 549 -5.82 -11.04 -25.67
CA GLN A 549 -6.75 -11.45 -26.75
C GLN A 549 -7.69 -12.58 -26.35
N ASP A 550 -7.20 -13.47 -25.48
CA ASP A 550 -7.98 -14.66 -25.11
C ASP A 550 -8.80 -14.55 -23.84
N ALA A 551 -8.70 -13.41 -23.18
CA ALA A 551 -9.38 -13.23 -21.91
C ALA A 551 -10.89 -13.20 -22.10
N GLY A 552 -11.32 -13.04 -23.34
CA GLY A 552 -12.73 -13.03 -23.70
C GLY A 552 -13.49 -11.83 -23.20
N PHE A 553 -12.85 -10.67 -23.20
CA PHE A 553 -13.55 -9.48 -22.78
C PHE A 553 -14.32 -8.93 -23.96
N VAL A 554 -15.42 -8.23 -23.71
CA VAL A 554 -16.21 -7.68 -24.78
C VAL A 554 -16.38 -6.17 -24.55
N SER A 555 -16.05 -5.36 -25.57
CA SER A 555 -16.25 -3.92 -25.57
C SER A 555 -17.70 -3.50 -25.30
N SER A 556 -17.90 -2.40 -24.57
CA SER A 556 -19.24 -1.78 -24.45
C SER A 556 -19.13 -0.32 -24.00
N ASP A 557 -20.28 0.29 -23.70
CA ASP A 557 -20.29 1.69 -23.32
C ASP A 557 -19.55 1.95 -22.02
N ASN A 558 -19.47 0.95 -21.13
CA ASN A 558 -18.75 1.17 -19.87
C ASN A 558 -17.45 0.32 -19.74
N MET A 559 -16.96 -0.19 -20.87
CA MET A 559 -15.96 -1.25 -20.87
C MET A 559 -15.12 -1.13 -22.14
N HIS A 560 -13.96 -0.51 -22.03
CA HIS A 560 -13.17 -0.17 -23.18
C HIS A 560 -12.02 -1.14 -23.13
N ILE A 561 -11.82 -1.91 -24.17
CA ILE A 561 -10.77 -2.93 -24.18
C ILE A 561 -9.55 -2.54 -25.07
N ILE A 562 -8.34 -2.85 -24.60
CA ILE A 562 -7.16 -2.88 -25.46
C ILE A 562 -6.69 -4.29 -25.48
N GLU A 563 -6.66 -4.91 -26.64
CA GLU A 563 -6.31 -6.34 -26.75
C GLU A 563 -4.83 -6.51 -26.79
N MET A 564 -4.32 -7.36 -25.92
CA MET A 564 -2.91 -7.53 -25.79
C MET A 564 -2.63 -8.89 -26.39
N PRO A 565 -1.48 -9.01 -27.04
CA PRO A 565 -0.99 -10.32 -27.52
C PRO A 565 -0.78 -11.27 -26.34
N HIS A 566 -1.03 -12.59 -26.50
CA HIS A 566 -0.69 -13.53 -25.42
C HIS A 566 0.86 -13.54 -25.19
N VAL A 567 1.32 -13.29 -23.97
CA VAL A 567 2.75 -13.40 -23.64
C VAL A 567 3.06 -14.53 -22.65
N GLU A 568 4.33 -14.92 -22.61
CA GLU A 568 4.80 -15.88 -21.61
C GLU A 568 4.42 -15.36 -20.20
N GLU A 569 3.81 -16.21 -19.40
CA GLU A 569 3.33 -15.78 -18.07
C GLU A 569 4.44 -15.22 -17.17
N VAL A 570 5.63 -15.80 -17.21
CA VAL A 570 6.74 -15.38 -16.36
C VAL A 570 7.15 -13.91 -16.58
N ILE A 571 7.08 -13.43 -17.82
CA ILE A 571 7.38 -12.03 -18.10
C ILE A 571 6.16 -11.11 -18.30
N ALA A 572 4.95 -11.66 -18.09
CA ALA A 572 3.74 -10.87 -18.18
C ALA A 572 3.80 -9.54 -17.41
N PRO A 573 4.21 -9.51 -16.16
CA PRO A 573 4.16 -8.23 -15.43
C PRO A 573 4.98 -7.12 -16.06
N ILE A 574 6.08 -7.47 -16.72
CA ILE A 574 6.91 -6.51 -17.39
C ILE A 574 6.18 -6.04 -18.63
N PHE A 575 5.68 -7.00 -19.34
CA PHE A 575 4.93 -6.77 -20.56
C PHE A 575 3.77 -5.81 -20.34
N TYR A 576 2.94 -6.05 -19.31
CA TYR A 576 1.74 -5.25 -19.11
C TYR A 576 2.05 -3.89 -18.52
N THR A 577 3.33 -3.65 -18.17
CA THR A 577 3.74 -2.37 -17.69
C THR A 577 3.77 -1.32 -18.80
N VAL A 578 4.18 -1.76 -19.98
CA VAL A 578 4.42 -0.84 -21.10
C VAL A 578 3.17 -0.03 -21.46
N PRO A 579 2.04 -0.68 -21.72
CA PRO A 579 0.87 0.11 -22.13
C PRO A 579 0.51 1.16 -21.05
N LEU A 580 0.66 0.81 -19.76
CA LEU A 580 0.41 1.75 -18.64
C LEU A 580 1.35 3.02 -18.68
N GLN A 581 2.56 2.82 -19.21
CA GLN A 581 3.55 3.86 -19.37
C GLN A 581 3.13 4.78 -20.46
N LEU A 582 2.63 4.17 -21.54
CA LEU A 582 2.09 4.89 -22.66
C LEU A 582 0.85 5.69 -22.29
N LEU A 583 -0.05 5.10 -21.55
CA LEU A 583 -1.27 5.78 -21.16
C LEU A 583 -0.89 7.04 -20.34
N ALA A 584 -0.02 6.88 -19.35
CA ALA A 584 0.43 8.01 -18.56
C ALA A 584 1.04 9.09 -19.44
N TYR A 585 1.96 8.75 -20.30
CA TYR A 585 2.58 9.68 -21.15
C TYR A 585 1.53 10.43 -21.95
N HIS A 586 0.63 9.71 -22.60
CA HIS A 586 -0.42 10.35 -23.42
C HIS A 586 -1.41 11.22 -22.65
N VAL A 587 -1.74 10.82 -21.42
CA VAL A 587 -2.62 11.67 -20.61
C VAL A 587 -1.89 12.97 -20.15
N ALA A 588 -0.57 12.89 -19.90
CA ALA A 588 0.24 14.07 -19.59
C ALA A 588 0.24 15.02 -20.76
N LEU A 589 0.42 14.46 -21.94
CA LEU A 589 0.39 15.25 -23.18
C LEU A 589 -0.92 16.02 -23.32
N ILE A 590 -2.02 15.33 -22.98
CA ILE A 590 -3.36 15.94 -23.01
C ILE A 590 -3.49 17.07 -22.00
N LYS A 591 -3.01 16.84 -20.79
CA LYS A 591 -3.15 17.81 -19.69
C LYS A 591 -2.17 18.92 -19.84
N GLY A 592 -1.18 18.79 -20.74
CA GLY A 592 -0.22 19.88 -20.95
C GLY A 592 0.83 20.07 -19.85
N THR A 593 1.23 18.98 -19.20
CA THR A 593 2.12 19.09 -18.04
C THR A 593 3.53 18.87 -18.48
N ASP A 594 4.50 19.10 -17.62
CA ASP A 594 5.88 18.95 -18.05
C ASP A 594 6.28 17.50 -17.90
N VAL A 595 6.24 16.74 -18.99
CA VAL A 595 6.43 15.30 -18.84
C VAL A 595 7.77 14.90 -18.25
N ASP A 596 8.84 15.55 -18.68
CA ASP A 596 10.16 15.08 -18.29
C ASP A 596 10.57 15.53 -16.88
N GLN A 597 10.04 16.68 -16.46
CA GLN A 597 10.46 17.30 -15.21
C GLN A 597 9.19 17.77 -14.52
N PRO A 598 8.40 16.85 -14.02
CA PRO A 598 7.13 17.22 -13.40
C PRO A 598 7.30 18.16 -12.20
N ARG A 599 6.26 18.93 -11.89
CA ARG A 599 6.34 19.86 -10.77
C ARG A 599 6.54 19.08 -9.46
N ASN A 600 7.23 19.77 -8.53
CA ASN A 600 7.54 19.32 -7.18
C ASN A 600 8.58 18.19 -7.02
N LEU A 601 9.02 17.60 -8.11
CA LEU A 601 9.85 16.40 -8.09
C LEU A 601 11.31 16.65 -8.54
N ALA A 602 12.09 15.56 -8.47
CA ALA A 602 13.44 15.48 -8.92
C ALA A 602 13.63 14.02 -9.33
N LYS A 603 14.53 13.77 -10.27
CA LYS A 603 14.77 12.44 -10.77
C LYS A 603 15.23 11.58 -9.60
N SER A 604 16.09 12.11 -8.74
CA SER A 604 16.60 11.33 -7.62
C SER A 604 16.47 12.12 -6.34
N VAL A 605 15.87 11.52 -5.32
CA VAL A 605 15.66 12.22 -4.04
C VAL A 605 16.81 11.89 -3.10
N THR A 606 17.62 12.91 -2.77
CA THR A 606 18.87 12.68 -2.08
C THR A 606 18.81 13.07 -0.63
N VAL A 607 17.61 13.26 -0.12
CA VAL A 607 17.44 13.58 1.27
C VAL A 607 16.27 12.76 1.73
N GLU A 608 16.00 12.82 3.03
CA GLU A 608 14.87 12.10 3.60
C GLU A 608 13.59 12.96 3.77
N CYS B 1 -24.17 -11.66 0.53
CA CYS B 1 -25.65 -11.70 0.68
C CYS B 1 -26.13 -12.57 1.83
N GLY B 2 -27.36 -12.29 2.28
CA GLY B 2 -27.94 -13.07 3.37
C GLY B 2 -29.09 -13.92 2.84
N ILE B 3 -29.01 -15.24 3.06
CA ILE B 3 -30.16 -16.09 2.69
C ILE B 3 -30.91 -16.58 3.91
N VAL B 4 -32.23 -16.56 3.84
CA VAL B 4 -33.06 -17.17 4.86
C VAL B 4 -34.02 -18.17 4.20
N GLY B 5 -34.42 -19.21 4.92
CA GLY B 5 -35.39 -20.14 4.40
C GLY B 5 -36.24 -20.66 5.52
N ALA B 6 -37.39 -21.24 5.15
CA ALA B 6 -38.38 -21.72 6.17
C ALA B 6 -39.44 -22.73 5.67
N ILE B 7 -39.62 -23.82 6.38
CA ILE B 7 -40.66 -24.79 6.05
C ILE B 7 -41.54 -25.02 7.30
N ALA B 8 -42.74 -24.44 7.27
CA ALA B 8 -43.62 -24.47 8.42
C ALA B 8 -45.05 -24.80 8.02
N GLN B 9 -45.88 -24.93 9.05
CA GLN B 9 -47.32 -25.03 8.90
C GLN B 9 -47.88 -23.61 8.81
N ARG B 10 -47.40 -22.76 9.72
CA ARG B 10 -47.75 -21.35 9.81
C ARG B 10 -46.94 -20.52 8.75
N ASP B 11 -47.44 -19.31 8.47
CA ASP B 11 -46.82 -18.37 7.56
C ASP B 11 -45.43 -18.04 8.10
N VAL B 12 -44.44 -18.08 7.22
CA VAL B 12 -43.07 -17.88 7.64
C VAL B 12 -42.46 -16.52 7.17
N ALA B 13 -43.31 -15.69 6.54
CA ALA B 13 -42.90 -14.39 5.98
C ALA B 13 -42.22 -13.50 7.01
N GLU B 14 -42.89 -13.29 8.17
CA GLU B 14 -42.31 -12.56 9.31
C GLU B 14 -40.98 -13.14 9.81
N ILE B 15 -40.92 -14.47 10.05
CA ILE B 15 -39.65 -15.17 10.34
C ILE B 15 -38.59 -14.84 9.26
N LEU B 16 -39.01 -14.85 8.01
CA LEU B 16 -38.08 -14.57 6.94
C LEU B 16 -37.52 -13.14 7.00
N LEU B 17 -38.40 -12.17 7.32
CA LEU B 17 -38.09 -10.73 7.34
C LEU B 17 -37.11 -10.31 8.45
N GLU B 18 -37.39 -10.82 9.64
CA GLU B 18 -36.50 -10.75 10.77
C GLU B 18 -35.11 -11.38 10.48
N GLY B 19 -35.14 -12.50 9.77
CA GLY B 19 -33.91 -13.05 9.21
C GLY B 19 -33.12 -12.02 8.41
N LEU B 20 -33.79 -11.34 7.47
CA LEU B 20 -33.14 -10.32 6.61
C LEU B 20 -32.59 -9.17 7.40
N ARG B 21 -33.33 -8.68 8.42
CA ARG B 21 -32.85 -7.56 9.26
C ARG B 21 -31.55 -7.95 9.93
N ARG B 22 -31.50 -9.18 10.41
CA ARG B 22 -30.34 -9.73 11.12
C ARG B 22 -29.23 -10.17 10.14
N LEU B 23 -29.44 -9.99 8.83
CA LEU B 23 -28.45 -10.36 7.84
C LEU B 23 -28.13 -9.14 7.00
N GLU B 24 -28.84 -8.05 7.30
CA GLU B 24 -28.66 -6.82 6.56
C GLU B 24 -27.18 -6.33 6.58
N TYR B 25 -26.43 -6.71 7.62
CA TYR B 25 -24.97 -6.53 7.69
C TYR B 25 -24.26 -7.21 6.48
N ARG B 26 -24.97 -8.04 5.72
CA ARG B 26 -24.33 -8.73 4.59
C ARG B 26 -24.75 -8.10 3.28
N GLY B 27 -25.71 -7.19 3.32
CA GLY B 27 -26.17 -6.61 2.06
C GLY B 27 -27.39 -5.80 2.32
N TYR B 28 -27.55 -4.72 1.56
CA TYR B 28 -28.67 -3.80 1.67
C TYR B 28 -28.90 -3.03 0.34
N ASP B 29 -28.56 -3.67 -0.76
CA ASP B 29 -28.80 -3.08 -2.04
C ASP B 29 -30.24 -3.35 -2.40
N SER B 30 -30.70 -4.59 -2.13
CA SER B 30 -32.06 -5.00 -2.43
C SER B 30 -32.39 -6.21 -1.60
N ALA B 31 -33.61 -6.67 -1.73
CA ALA B 31 -34.14 -7.73 -0.90
C ALA B 31 -35.45 -8.35 -1.52
N GLY B 32 -35.71 -9.62 -1.22
CA GLY B 32 -36.82 -10.30 -1.83
C GLY B 32 -37.29 -11.47 -1.01
N LEU B 33 -38.53 -11.85 -1.20
CA LEU B 33 -39.05 -13.01 -0.51
C LEU B 33 -40.03 -13.70 -1.45
N ALA B 34 -40.08 -15.02 -1.36
CA ALA B 34 -41.04 -15.81 -2.15
C ALA B 34 -41.73 -16.79 -1.24
N VAL B 35 -43.07 -16.77 -1.19
CA VAL B 35 -43.79 -17.76 -0.37
C VAL B 35 -44.91 -18.54 -1.08
N VAL B 36 -44.98 -19.84 -0.84
CA VAL B 36 -46.09 -20.68 -1.32
C VAL B 36 -46.87 -21.27 -0.11
N ASP B 37 -48.20 -21.40 -0.21
CA ASP B 37 -49.01 -22.20 0.77
C ASP B 37 -48.85 -23.77 0.60
N ALA B 38 -49.79 -24.61 1.05
CA ALA B 38 -49.78 -26.06 0.70
C ALA B 38 -50.28 -26.38 -0.75
N GLU B 39 -51.38 -25.73 -1.14
CA GLU B 39 -51.99 -25.82 -2.49
C GLU B 39 -51.08 -25.45 -3.69
N GLY B 40 -50.08 -24.60 -3.48
CA GLY B 40 -49.10 -24.28 -4.51
C GLY B 40 -49.08 -22.88 -5.11
N HIS B 41 -49.78 -21.91 -4.48
CA HIS B 41 -49.87 -20.51 -4.97
C HIS B 41 -48.73 -19.58 -4.44
N MET B 42 -47.68 -19.43 -5.27
CA MET B 42 -46.53 -18.58 -4.90
C MET B 42 -46.64 -17.07 -5.19
N THR B 43 -46.25 -16.29 -4.18
CA THR B 43 -46.34 -14.84 -4.24
C THR B 43 -44.93 -14.41 -4.00
N ARG B 44 -44.35 -13.78 -5.02
CA ARG B 44 -42.97 -13.28 -4.93
C ARG B 44 -43.01 -11.74 -4.79
N LEU B 45 -42.12 -11.22 -3.94
CA LEU B 45 -42.07 -9.79 -3.69
C LEU B 45 -40.63 -9.36 -3.50
N ARG B 46 -40.21 -8.36 -4.26
CA ARG B 46 -38.83 -7.94 -4.33
C ARG B 46 -38.81 -6.41 -4.28
N ARG B 47 -37.77 -5.82 -3.69
CA ARG B 47 -37.66 -4.34 -3.61
C ARG B 47 -36.20 -3.91 -3.71
N LEU B 48 -35.92 -2.95 -4.59
CA LEU B 48 -34.65 -2.23 -4.61
C LEU B 48 -34.52 -1.48 -3.26
N GLY B 49 -33.31 -1.53 -2.67
CA GLY B 49 -33.06 -0.79 -1.43
C GLY B 49 -33.00 -1.62 -0.18
N LYS B 50 -33.12 -0.98 0.99
CA LYS B 50 -32.86 -1.64 2.29
C LYS B 50 -33.96 -2.65 2.65
N VAL B 51 -33.66 -3.53 3.61
CA VAL B 51 -34.58 -4.58 4.02
C VAL B 51 -35.91 -3.90 4.40
N GLN B 52 -35.80 -2.70 4.99
CA GLN B 52 -36.98 -1.94 5.42
C GLN B 52 -37.94 -1.67 4.27
N MET B 53 -37.41 -1.48 3.04
CA MET B 53 -38.32 -1.28 1.88
C MET B 53 -39.22 -2.53 1.70
N LEU B 54 -38.58 -3.72 1.69
CA LEU B 54 -39.25 -5.04 1.57
C LEU B 54 -40.26 -5.26 2.65
N ALA B 55 -39.89 -4.93 3.89
CA ALA B 55 -40.76 -5.07 5.07
C ALA B 55 -41.98 -4.16 4.98
N GLN B 56 -41.79 -2.93 4.49
CA GLN B 56 -42.93 -2.02 4.29
C GLN B 56 -43.95 -2.59 3.28
N ALA B 57 -43.44 -3.00 2.11
CA ALA B 57 -44.25 -3.46 0.98
C ALA B 57 -45.01 -4.77 1.26
N ALA B 58 -44.39 -5.64 2.08
CA ALA B 58 -45.02 -6.85 2.63
C ALA B 58 -46.06 -6.62 3.73
N GLU B 59 -46.01 -5.45 4.37
CA GLU B 59 -46.90 -5.06 5.47
C GLU B 59 -48.24 -4.62 4.84
N GLU B 60 -48.17 -4.19 3.58
CA GLU B 60 -49.34 -3.71 2.83
C GLU B 60 -50.15 -4.85 2.16
N HIS B 61 -49.45 -5.83 1.60
CA HIS B 61 -50.06 -7.03 1.00
C HIS B 61 -49.36 -8.30 1.51
N PRO B 62 -49.72 -8.70 2.75
CA PRO B 62 -49.03 -9.77 3.48
C PRO B 62 -48.95 -11.09 2.72
N LEU B 63 -47.74 -11.64 2.67
CA LEU B 63 -47.45 -12.88 1.95
C LEU B 63 -47.75 -14.17 2.75
N HIS B 64 -48.92 -14.77 2.49
CA HIS B 64 -49.43 -15.95 3.22
C HIS B 64 -48.86 -17.32 2.74
N GLY B 65 -48.60 -18.24 3.68
CA GLY B 65 -48.00 -19.54 3.37
C GLY B 65 -46.82 -19.98 4.25
N GLY B 66 -46.63 -21.29 4.32
CA GLY B 66 -45.64 -21.89 5.20
C GLY B 66 -44.28 -22.21 4.61
N THR B 67 -44.13 -22.02 3.31
CA THR B 67 -42.83 -22.34 2.66
C THR B 67 -42.22 -21.13 1.93
N GLY B 68 -40.93 -20.94 2.14
CA GLY B 68 -40.35 -19.68 1.72
C GLY B 68 -38.87 -19.54 1.89
N ILE B 69 -38.36 -18.69 1.02
CA ILE B 69 -36.96 -18.37 0.96
C ILE B 69 -36.87 -16.83 0.84
N ALA B 70 -35.78 -16.24 1.34
CA ALA B 70 -35.68 -14.78 1.50
C ALA B 70 -34.26 -14.34 1.16
N HIS B 71 -34.05 -13.06 0.93
CA HIS B 71 -32.70 -12.67 0.49
C HIS B 71 -32.55 -11.17 0.57
N THR B 72 -31.34 -10.75 0.90
CA THR B 72 -30.96 -9.35 0.94
C THR B 72 -29.61 -9.32 0.28
N ARG B 73 -29.36 -8.31 -0.56
CA ARG B 73 -28.27 -8.35 -1.55
C ARG B 73 -27.11 -7.36 -1.35
N TRP B 74 -25.90 -7.86 -1.60
CA TRP B 74 -24.78 -6.98 -1.85
C TRP B 74 -24.44 -7.31 -3.31
N ALA B 75 -24.71 -6.38 -4.22
CA ALA B 75 -24.63 -6.59 -5.68
C ALA B 75 -23.22 -6.84 -6.14
N THR B 76 -22.97 -7.92 -6.86
CA THR B 76 -21.71 -8.08 -7.59
C THR B 76 -21.89 -8.18 -9.12
N HIS B 77 -22.97 -8.82 -9.59
CA HIS B 77 -23.22 -9.00 -11.02
C HIS B 77 -24.57 -8.39 -11.38
N GLY B 78 -24.52 -7.19 -11.96
CA GLY B 78 -25.69 -6.43 -12.34
C GLY B 78 -26.03 -5.46 -11.20
N GLU B 79 -26.40 -4.22 -11.56
CA GLU B 79 -26.69 -3.12 -10.62
C GLU B 79 -27.79 -3.45 -9.56
N PRO B 80 -27.76 -2.81 -8.40
CA PRO B 80 -28.89 -2.88 -7.46
C PRO B 80 -30.19 -2.47 -8.14
N SER B 81 -31.16 -3.39 -8.28
CA SER B 81 -32.50 -3.09 -8.79
C SER B 81 -33.49 -4.20 -8.41
N GLU B 82 -34.79 -3.88 -8.43
CA GLU B 82 -35.84 -4.93 -8.38
C GLU B 82 -35.69 -6.09 -9.40
N VAL B 83 -35.37 -5.77 -10.66
CA VAL B 83 -35.15 -6.83 -11.68
C VAL B 83 -34.07 -7.83 -11.27
N ASN B 84 -32.99 -7.29 -10.68
CA ASN B 84 -31.80 -8.04 -10.31
C ASN B 84 -31.93 -8.75 -8.94
N ALA B 85 -32.91 -8.34 -8.15
CA ALA B 85 -33.20 -8.95 -6.84
C ALA B 85 -33.56 -10.46 -6.87
N HIS B 86 -33.10 -11.20 -5.86
CA HIS B 86 -33.53 -12.57 -5.59
C HIS B 86 -34.82 -12.43 -4.73
N PRO B 87 -35.67 -13.47 -4.64
CA PRO B 87 -35.46 -14.74 -5.34
C PRO B 87 -35.43 -14.57 -6.86
N HIS B 88 -34.67 -15.43 -7.55
CA HIS B 88 -34.76 -15.57 -8.98
C HIS B 88 -35.57 -16.81 -9.38
N VAL B 89 -36.24 -16.68 -10.53
CA VAL B 89 -37.15 -17.68 -10.98
C VAL B 89 -36.81 -18.31 -12.34
N SER B 90 -37.37 -19.50 -12.52
CA SER B 90 -37.35 -20.23 -13.78
C SER B 90 -38.61 -21.06 -13.74
N GLU B 91 -39.71 -20.40 -14.10
CA GLU B 91 -41.06 -20.92 -13.89
C GLU B 91 -41.27 -21.32 -12.40
N HIS B 92 -41.37 -22.63 -12.18
CA HIS B 92 -41.53 -23.24 -10.87
C HIS B 92 -40.24 -23.23 -10.02
N ILE B 93 -39.08 -23.10 -10.64
CA ILE B 93 -37.86 -23.05 -9.85
C ILE B 93 -37.69 -21.64 -9.26
N VAL B 94 -37.24 -21.57 -8.00
CA VAL B 94 -37.12 -20.32 -7.29
C VAL B 94 -35.88 -20.39 -6.44
N VAL B 95 -34.93 -19.48 -6.69
CA VAL B 95 -33.57 -19.53 -6.08
C VAL B 95 -33.14 -18.22 -5.33
N VAL B 96 -32.43 -18.39 -4.21
CA VAL B 96 -31.78 -17.33 -3.39
C VAL B 96 -30.32 -17.76 -3.30
N HIS B 97 -29.39 -16.80 -3.40
CA HIS B 97 -27.99 -17.21 -3.51
C HIS B 97 -27.04 -16.24 -2.86
N ASN B 98 -26.10 -16.81 -2.11
CA ASN B 98 -25.00 -16.09 -1.49
C ASN B 98 -23.74 -16.70 -2.11
N GLY B 99 -23.13 -15.94 -3.01
CA GLY B 99 -21.93 -16.41 -3.70
C GLY B 99 -21.74 -15.73 -5.06
N ILE B 100 -20.80 -16.26 -5.83
CA ILE B 100 -20.62 -15.84 -7.19
C ILE B 100 -20.42 -17.08 -8.03
N ILE B 101 -21.20 -17.21 -9.11
CA ILE B 101 -20.99 -18.32 -10.00
C ILE B 101 -19.96 -17.89 -11.06
N GLU B 102 -18.70 -18.28 -10.84
CA GLU B 102 -17.63 -17.72 -11.61
C GLU B 102 -17.72 -18.01 -13.11
N ASN B 103 -18.20 -19.20 -13.47
CA ASN B 103 -18.35 -19.60 -14.89
C ASN B 103 -19.74 -19.32 -15.48
N HIS B 104 -20.43 -18.30 -14.95
CA HIS B 104 -21.76 -17.87 -15.42
C HIS B 104 -21.94 -17.58 -16.96
N GLU B 105 -20.96 -16.92 -17.58
CA GLU B 105 -20.98 -16.57 -19.00
C GLU B 105 -21.08 -17.77 -19.92
N PRO B 106 -20.22 -18.80 -19.75
CA PRO B 106 -20.35 -20.04 -20.54
C PRO B 106 -21.73 -20.69 -20.27
N LEU B 107 -22.09 -20.83 -18.96
CA LEU B 107 -23.39 -21.34 -18.52
C LEU B 107 -24.60 -20.60 -19.08
N ARG B 108 -24.57 -19.26 -19.00
CA ARG B 108 -25.65 -18.46 -19.57
C ARG B 108 -25.82 -18.74 -21.09
N GLU B 109 -24.71 -18.76 -21.84
CA GLU B 109 -24.76 -19.03 -23.29
C GLU B 109 -25.43 -20.39 -23.64
N GLU B 110 -25.06 -21.43 -22.91
CA GLU B 110 -25.59 -22.78 -23.14
C GLU B 110 -27.09 -22.81 -22.86
N LEU B 111 -27.49 -22.25 -21.72
CA LEU B 111 -28.90 -22.07 -21.37
C LEU B 111 -29.70 -21.16 -22.32
N LYS B 112 -29.13 -20.05 -22.80
CA LYS B 112 -29.76 -19.28 -23.90
C LYS B 112 -29.97 -20.15 -25.14
N ALA B 113 -29.01 -21.03 -25.43
CA ALA B 113 -29.01 -21.86 -26.63
C ALA B 113 -30.12 -22.92 -26.57
N ARG B 114 -30.68 -23.12 -25.38
CA ARG B 114 -31.73 -24.11 -25.11
C ARG B 114 -33.12 -23.49 -24.86
N GLY B 115 -33.23 -22.17 -25.10
CA GLY B 115 -34.54 -21.50 -25.11
C GLY B 115 -34.83 -20.67 -23.89
N TYR B 116 -33.93 -20.76 -22.92
CA TYR B 116 -34.01 -19.94 -21.73
C TYR B 116 -33.82 -18.46 -22.08
N THR B 117 -34.66 -17.62 -21.47
CA THR B 117 -34.60 -16.18 -21.60
C THR B 117 -34.16 -15.65 -20.24
N PHE B 118 -33.06 -14.88 -20.24
CA PHE B 118 -32.53 -14.34 -18.98
C PHE B 118 -33.09 -12.93 -18.82
N VAL B 119 -33.70 -12.67 -17.67
CA VAL B 119 -34.37 -11.38 -17.42
C VAL B 119 -33.53 -10.36 -16.62
N SER B 120 -32.44 -10.85 -16.03
CA SER B 120 -31.61 -10.09 -15.13
C SER B 120 -30.17 -10.18 -15.64
N GLU B 121 -29.28 -9.49 -14.94
CA GLU B 121 -27.86 -9.41 -15.29
C GLU B 121 -27.02 -10.18 -14.25
N THR B 122 -27.68 -10.85 -13.29
CA THR B 122 -27.00 -11.59 -12.23
C THR B 122 -26.48 -12.94 -12.69
N ASP B 123 -25.38 -13.35 -12.05
CA ASP B 123 -24.88 -14.74 -12.16
C ASP B 123 -25.89 -15.76 -11.58
N THR B 124 -26.64 -15.35 -10.55
CA THR B 124 -27.64 -16.17 -9.87
C THR B 124 -28.67 -16.78 -10.79
N GLU B 125 -29.10 -16.02 -11.76
CA GLU B 125 -30.07 -16.50 -12.75
C GLU B 125 -29.66 -17.83 -13.42
N VAL B 126 -28.38 -18.04 -13.66
CA VAL B 126 -28.03 -19.31 -14.26
C VAL B 126 -28.41 -20.50 -13.37
N ILE B 127 -28.43 -20.29 -12.06
CA ILE B 127 -28.66 -21.40 -11.13
C ILE B 127 -30.10 -21.88 -11.27
N ALA B 128 -31.04 -20.93 -11.34
CA ALA B 128 -32.46 -21.21 -11.53
C ALA B 128 -32.72 -21.89 -12.86
N HIS B 129 -32.19 -21.30 -13.95
CA HIS B 129 -32.35 -21.89 -15.29
C HIS B 129 -31.72 -23.26 -15.43
N LEU B 130 -30.62 -23.50 -14.71
CA LEU B 130 -29.93 -24.79 -14.82
C LEU B 130 -30.58 -25.86 -13.96
N VAL B 131 -31.20 -25.48 -12.85
CA VAL B 131 -31.97 -26.43 -12.06
C VAL B 131 -33.26 -26.82 -12.82
N ASN B 132 -33.87 -25.83 -13.48
CA ASN B 132 -35.04 -26.04 -14.35
C ASN B 132 -34.71 -26.99 -15.51
N TRP B 133 -33.51 -26.86 -16.06
CA TRP B 133 -33.11 -27.70 -17.20
C TRP B 133 -32.84 -29.15 -16.77
N GLU B 134 -32.14 -29.29 -15.63
CA GLU B 134 -31.83 -30.62 -15.09
C GLU B 134 -33.09 -31.43 -14.72
N LEU B 135 -34.08 -30.75 -14.10
CA LEU B 135 -35.38 -31.35 -13.72
C LEU B 135 -36.13 -31.84 -14.96
N LYS B 136 -35.96 -31.13 -16.08
CA LYS B 136 -36.66 -31.53 -17.31
C LYS B 136 -36.18 -32.90 -17.83
N GLN B 137 -34.91 -33.23 -17.54
CA GLN B 137 -34.26 -34.50 -17.86
C GLN B 137 -34.91 -35.67 -17.11
N GLY B 138 -35.31 -35.42 -15.86
CA GLY B 138 -35.91 -36.45 -15.01
C GLY B 138 -35.50 -36.57 -13.54
N GLY B 139 -36.34 -37.29 -12.79
CA GLY B 139 -36.14 -37.52 -11.36
C GLY B 139 -36.61 -36.41 -10.42
N THR B 140 -36.07 -36.37 -9.20
CA THR B 140 -36.48 -35.41 -8.17
C THR B 140 -35.67 -34.13 -8.20
N LEU B 141 -36.18 -33.08 -7.56
CA LEU B 141 -35.42 -31.84 -7.38
C LEU B 141 -34.02 -32.13 -6.83
N ARG B 142 -33.96 -33.08 -5.90
CA ARG B 142 -32.71 -33.48 -5.24
C ARG B 142 -31.66 -34.00 -6.26
N GLU B 143 -32.15 -34.78 -7.22
CA GLU B 143 -31.30 -35.37 -8.27
C GLU B 143 -30.89 -34.34 -9.33
N ALA B 144 -31.82 -33.41 -9.61
CA ALA B 144 -31.61 -32.25 -10.51
C ALA B 144 -30.53 -31.31 -9.98
N VAL B 145 -30.70 -30.90 -8.73
CA VAL B 145 -29.65 -30.19 -8.01
C VAL B 145 -28.28 -30.96 -8.07
N LEU B 146 -28.27 -32.25 -7.72
CA LEU B 146 -27.05 -33.09 -7.77
C LEU B 146 -26.31 -33.20 -9.14
N ARG B 147 -27.02 -32.88 -10.23
CA ARG B 147 -26.40 -32.81 -11.54
C ARG B 147 -25.96 -31.37 -11.89
N ALA B 148 -26.66 -30.39 -11.31
CA ALA B 148 -26.39 -28.97 -11.56
C ALA B 148 -25.17 -28.43 -10.78
N ILE B 149 -25.14 -28.68 -9.46
CA ILE B 149 -24.01 -28.28 -8.61
C ILE B 149 -22.64 -28.55 -9.31
N PRO B 150 -22.31 -29.79 -9.70
CA PRO B 150 -21.05 -30.04 -10.45
C PRO B 150 -20.72 -29.10 -11.63
N GLN B 151 -21.73 -28.48 -12.25
CA GLN B 151 -21.53 -27.66 -13.47
C GLN B 151 -21.18 -26.24 -13.12
N LEU B 152 -21.48 -25.85 -11.87
CA LEU B 152 -21.14 -24.55 -11.27
C LEU B 152 -19.68 -24.43 -10.72
N ARG B 153 -18.96 -23.40 -11.14
CA ARG B 153 -17.64 -23.09 -10.59
C ARG B 153 -17.78 -21.87 -9.67
N GLY B 154 -16.94 -21.80 -8.64
CA GLY B 154 -16.99 -20.68 -7.70
C GLY B 154 -17.79 -21.00 -6.43
N ALA B 155 -18.54 -20.03 -5.90
CA ALA B 155 -19.11 -20.15 -4.56
C ALA B 155 -20.59 -20.03 -4.62
N TYR B 156 -21.22 -20.61 -3.61
CA TYR B 156 -22.65 -20.69 -3.56
C TYR B 156 -23.14 -21.26 -2.21
N GLY B 157 -24.01 -20.50 -1.54
CA GLY B 157 -24.86 -20.94 -0.45
C GLY B 157 -26.23 -20.53 -1.00
N THR B 158 -26.91 -21.49 -1.62
CA THR B 158 -28.19 -21.29 -2.31
C THR B 158 -29.27 -22.19 -1.69
N VAL B 159 -30.51 -21.71 -1.65
CA VAL B 159 -31.64 -22.53 -1.27
C VAL B 159 -32.55 -22.57 -2.51
N ILE B 160 -32.99 -23.78 -2.90
CA ILE B 160 -33.82 -23.95 -4.09
C ILE B 160 -35.20 -24.56 -3.72
N MET B 161 -36.21 -24.06 -4.42
CA MET B 161 -37.56 -24.56 -4.28
C MET B 161 -38.36 -24.70 -5.60
N ASP B 162 -39.10 -25.80 -5.72
CA ASP B 162 -40.03 -25.98 -6.79
C ASP B 162 -41.39 -25.65 -6.18
N SER B 163 -41.88 -24.43 -6.43
CA SER B 163 -43.22 -24.01 -6.01
C SER B 163 -44.29 -25.13 -6.15
N ARG B 164 -44.30 -25.87 -7.25
CA ARG B 164 -45.25 -26.99 -7.44
C ARG B 164 -45.23 -28.12 -6.36
N HIS B 165 -44.18 -28.09 -5.53
CA HIS B 165 -43.96 -29.01 -4.41
C HIS B 165 -43.45 -28.18 -3.21
N PRO B 166 -44.35 -27.46 -2.55
CA PRO B 166 -43.94 -26.52 -1.50
C PRO B 166 -43.51 -27.25 -0.18
N ASP B 167 -43.61 -28.59 -0.15
CA ASP B 167 -43.20 -29.38 1.00
C ASP B 167 -41.68 -29.61 1.23
N THR B 168 -40.85 -29.42 0.20
CA THR B 168 -39.42 -29.79 0.22
C THR B 168 -38.50 -28.60 -0.21
N LEU B 169 -37.49 -28.27 0.58
CA LEU B 169 -36.47 -27.30 0.14
C LEU B 169 -35.13 -28.01 -0.09
N LEU B 170 -34.35 -27.52 -1.07
CA LEU B 170 -33.00 -28.04 -1.31
C LEU B 170 -31.98 -26.97 -0.93
N ALA B 171 -30.77 -27.37 -0.50
CA ALA B 171 -29.74 -26.39 -0.13
C ALA B 171 -28.35 -26.91 -0.42
N ALA B 172 -27.52 -26.02 -0.98
CA ALA B 172 -26.17 -26.37 -1.38
C ALA B 172 -25.17 -25.32 -0.91
N ARG B 173 -24.16 -25.83 -0.18
CA ARG B 173 -23.04 -25.06 0.34
C ARG B 173 -21.77 -25.21 -0.51
N SER B 174 -21.24 -24.10 -1.01
CA SER B 174 -19.87 -24.17 -1.44
C SER B 174 -19.18 -22.87 -1.05
N GLY B 175 -18.25 -22.95 -0.12
CA GLY B 175 -17.61 -21.74 0.39
C GLY B 175 -18.53 -21.03 1.40
N SER B 176 -19.46 -20.27 0.87
CA SER B 176 -20.51 -19.61 1.63
C SER B 176 -21.07 -20.39 2.86
N PRO B 177 -21.44 -19.68 3.90
CA PRO B 177 -21.93 -20.36 5.12
C PRO B 177 -23.40 -20.75 4.95
N LEU B 178 -23.77 -21.89 5.51
CA LEU B 178 -25.16 -22.33 5.54
C LEU B 178 -25.46 -23.12 6.81
N VAL B 179 -26.29 -22.56 7.70
CA VAL B 179 -26.72 -23.28 8.90
C VAL B 179 -28.19 -23.56 8.88
N ILE B 180 -28.52 -24.81 9.25
CA ILE B 180 -29.89 -25.35 9.37
C ILE B 180 -30.34 -25.28 10.83
N GLY B 181 -31.55 -24.75 11.04
CA GLY B 181 -32.18 -24.63 12.36
C GLY B 181 -33.29 -25.66 12.53
N LEU B 182 -33.12 -26.56 13.48
CA LEU B 182 -34.10 -27.64 13.70
C LEU B 182 -35.28 -27.20 14.57
N GLY B 183 -36.47 -27.24 14.02
CA GLY B 183 -37.61 -26.88 14.82
C GLY B 183 -38.35 -28.13 15.23
N MET B 184 -39.43 -27.88 15.93
CA MET B 184 -40.44 -28.87 16.19
C MET B 184 -41.58 -28.66 15.20
N GLY B 185 -41.74 -29.61 14.28
CA GLY B 185 -42.81 -29.55 13.29
C GLY B 185 -42.44 -28.60 12.16
N GLU B 186 -41.18 -28.13 12.16
CA GLU B 186 -40.75 -27.09 11.25
C GLU B 186 -39.20 -26.98 11.18
N ASN B 187 -38.66 -26.51 10.04
CA ASN B 187 -37.23 -26.46 9.84
C ASN B 187 -36.88 -25.24 9.04
N PHE B 188 -35.63 -24.82 9.14
CA PHE B 188 -35.16 -23.50 8.65
C PHE B 188 -33.74 -23.56 8.09
N ILE B 189 -33.29 -22.46 7.52
CA ILE B 189 -31.95 -22.39 6.96
C ILE B 189 -31.57 -20.91 6.88
N ALA B 190 -30.29 -20.56 7.11
CA ALA B 190 -29.83 -19.15 7.12
C ALA B 190 -28.33 -19.04 6.93
N SER B 191 -27.88 -17.86 6.51
CA SER B 191 -26.44 -17.59 6.38
C SER B 191 -25.72 -17.71 7.73
N ASP B 192 -26.36 -17.28 8.85
CA ASP B 192 -25.76 -17.37 10.20
C ASP B 192 -26.77 -17.77 11.30
N GLN B 193 -26.28 -17.99 12.52
CA GLN B 193 -27.13 -18.53 13.60
C GLN B 193 -28.12 -17.52 14.12
N LEU B 194 -27.69 -16.26 14.17
CA LEU B 194 -28.39 -15.23 14.90
C LEU B 194 -29.66 -14.85 14.23
N ALA B 195 -29.70 -15.07 12.93
CA ALA B 195 -30.88 -14.84 12.14
C ALA B 195 -31.99 -15.81 12.49
N LEU B 196 -31.65 -17.03 12.93
CA LEU B 196 -32.66 -18.03 13.25
C LEU B 196 -33.02 -18.21 14.71
N LEU B 197 -32.38 -17.47 15.61
CA LEU B 197 -32.66 -17.61 17.07
C LEU B 197 -34.08 -17.27 17.56
N PRO B 198 -34.83 -16.42 16.86
CA PRO B 198 -36.23 -16.20 17.28
C PRO B 198 -37.05 -17.48 17.25
N VAL B 199 -36.70 -18.45 16.38
CA VAL B 199 -37.44 -19.72 16.24
C VAL B 199 -36.78 -21.04 16.77
N THR B 200 -35.45 -21.05 16.95
CA THR B 200 -34.69 -22.26 17.35
C THR B 200 -33.23 -22.01 17.84
N ARG B 201 -32.73 -22.92 18.68
CA ARG B 201 -31.36 -22.86 19.21
C ARG B 201 -30.60 -24.09 18.75
N ARG B 202 -31.25 -25.02 18.05
CA ARG B 202 -30.57 -26.23 17.59
C ARG B 202 -30.16 -26.06 16.14
N PHE B 203 -28.87 -26.27 15.85
CA PHE B 203 -28.30 -26.00 14.53
C PHE B 203 -27.42 -27.10 13.94
N ILE B 204 -27.40 -27.15 12.59
CA ILE B 204 -26.47 -27.99 11.85
C ILE B 204 -25.73 -27.17 10.81
N PHE B 205 -24.40 -27.14 10.90
CA PHE B 205 -23.59 -26.49 9.86
C PHE B 205 -23.30 -27.49 8.77
N LEU B 206 -23.54 -27.04 7.54
CA LEU B 206 -23.22 -27.82 6.37
C LEU B 206 -21.72 -27.68 6.09
N GLU B 207 -21.10 -28.80 5.75
CA GLU B 207 -19.73 -28.82 5.25
C GLU B 207 -19.62 -28.46 3.73
N GLU B 208 -18.38 -28.32 3.28
CA GLU B 208 -18.04 -28.07 1.90
C GLU B 208 -18.59 -29.17 1.01
N GLY B 209 -19.49 -28.81 0.08
CA GLY B 209 -20.05 -29.69 -0.93
C GLY B 209 -21.29 -30.45 -0.51
N ASP B 210 -21.85 -30.12 0.65
CA ASP B 210 -23.07 -30.74 1.20
C ASP B 210 -24.35 -30.25 0.54
N ILE B 211 -25.21 -31.21 0.17
CA ILE B 211 -26.53 -30.91 -0.37
C ILE B 211 -27.49 -31.34 0.71
N ALA B 212 -28.45 -30.48 1.04
CA ALA B 212 -29.47 -30.76 2.06
C ALA B 212 -30.88 -30.83 1.47
N GLU B 213 -31.63 -31.86 1.82
CA GLU B 213 -33.06 -32.00 1.45
C GLU B 213 -33.87 -31.78 2.76
N ILE B 214 -34.62 -30.69 2.86
CA ILE B 214 -35.21 -30.29 4.17
C ILE B 214 -36.73 -30.12 4.02
N THR B 215 -37.49 -30.94 4.76
CA THR B 215 -38.95 -30.79 4.95
C THR B 215 -39.25 -30.10 6.29
N ARG B 216 -40.51 -30.00 6.67
CA ARG B 216 -40.76 -29.43 7.97
C ARG B 216 -40.58 -30.54 9.02
N ARG B 217 -40.31 -31.77 8.54
CA ARG B 217 -40.33 -32.99 9.40
C ARG B 217 -38.98 -33.74 9.54
N SER B 218 -38.07 -33.61 8.57
CA SER B 218 -36.81 -34.34 8.58
C SER B 218 -35.72 -33.50 7.92
N VAL B 219 -34.46 -33.78 8.24
CA VAL B 219 -33.33 -33.19 7.54
C VAL B 219 -32.40 -34.33 7.17
N ASN B 220 -32.21 -34.48 5.86
CA ASN B 220 -31.25 -35.42 5.27
C ASN B 220 -30.15 -34.63 4.56
N ILE B 221 -28.89 -34.95 4.88
CA ILE B 221 -27.78 -34.29 4.16
C ILE B 221 -27.02 -35.30 3.29
N PHE B 222 -26.49 -34.84 2.17
CA PHE B 222 -25.79 -35.68 1.20
C PHE B 222 -24.46 -35.08 0.83
N ASP B 223 -23.54 -35.92 0.40
CA ASP B 223 -22.28 -35.40 -0.12
C ASP B 223 -22.38 -35.09 -1.64
N LYS B 224 -21.23 -34.85 -2.27
CA LYS B 224 -21.13 -34.46 -3.69
C LYS B 224 -21.58 -35.57 -4.68
N THR B 225 -21.18 -36.82 -4.44
CA THR B 225 -21.64 -37.92 -5.31
C THR B 225 -23.13 -38.21 -5.13
N GLY B 226 -23.63 -37.98 -3.91
CA GLY B 226 -25.03 -38.21 -3.58
C GLY B 226 -25.29 -39.12 -2.38
N ALA B 227 -24.21 -39.64 -1.77
CA ALA B 227 -24.27 -40.50 -0.58
C ALA B 227 -24.73 -39.77 0.70
N GLU B 228 -25.66 -40.38 1.44
CA GLU B 228 -26.21 -39.73 2.62
C GLU B 228 -25.17 -39.64 3.72
N VAL B 229 -24.99 -38.42 4.23
CA VAL B 229 -24.09 -38.17 5.36
C VAL B 229 -24.83 -37.74 6.64
N LYS B 230 -24.17 -38.01 7.76
CA LYS B 230 -24.67 -37.66 9.08
C LYS B 230 -23.85 -36.48 9.64
N ARG B 231 -24.53 -35.36 9.91
CA ARG B 231 -23.92 -34.15 10.51
C ARG B 231 -24.47 -33.93 11.93
N GLN B 232 -23.58 -33.68 12.90
CA GLN B 232 -24.01 -33.53 14.31
C GLN B 232 -24.75 -32.21 14.55
N ASP B 233 -25.67 -32.22 15.51
CA ASP B 233 -26.36 -30.98 15.87
C ASP B 233 -25.74 -30.46 17.16
N ILE B 234 -25.77 -29.14 17.30
CA ILE B 234 -25.29 -28.44 18.50
C ILE B 234 -26.38 -27.50 19.05
N GLU B 235 -26.29 -27.24 20.37
CA GLU B 235 -27.11 -26.25 21.06
C GLU B 235 -26.33 -24.94 21.28
N SER B 236 -26.78 -23.83 20.66
CA SER B 236 -26.14 -22.54 20.87
C SER B 236 -26.62 -21.72 22.08
N ASN B 237 -25.63 -21.08 22.71
CA ASN B 237 -25.82 -20.16 23.83
C ASN B 237 -25.66 -18.68 23.33
N LEU B 238 -25.53 -18.48 22.01
CA LEU B 238 -25.38 -17.15 21.41
C LEU B 238 -26.55 -16.18 21.74
N GLN B 239 -26.20 -14.93 22.09
CA GLN B 239 -27.24 -13.92 22.35
C GLN B 239 -27.24 -12.86 21.24
N TYR B 240 -28.42 -12.54 20.70
CA TYR B 240 -28.55 -11.47 19.71
C TYR B 240 -28.52 -10.04 20.29
N ASP B 241 -27.51 -9.28 19.84
CA ASP B 241 -27.25 -7.92 20.29
C ASP B 241 -27.60 -7.00 19.09
N ALA B 242 -28.77 -6.38 19.14
CA ALA B 242 -29.31 -5.66 17.98
C ALA B 242 -28.53 -4.42 17.63
N GLY B 243 -27.72 -3.92 18.57
CA GLY B 243 -27.05 -2.62 18.43
C GLY B 243 -28.07 -1.51 18.72
N ASP B 244 -27.58 -0.41 19.28
CA ASP B 244 -28.44 0.77 19.42
C ASP B 244 -27.65 2.04 19.20
N LYS B 245 -28.37 3.15 19.03
CA LYS B 245 -27.76 4.46 18.84
C LYS B 245 -27.65 5.24 20.18
N GLY B 246 -28.16 4.66 21.25
CA GLY B 246 -28.21 5.39 22.50
C GLY B 246 -28.73 6.79 22.23
N ILE B 247 -27.98 7.77 22.72
CA ILE B 247 -28.38 9.17 22.61
C ILE B 247 -27.91 9.78 21.29
N TYR B 248 -27.17 8.99 20.51
CA TYR B 248 -26.46 9.55 19.36
C TYR B 248 -27.26 9.56 18.06
N ARG B 249 -26.77 10.34 17.10
CA ARG B 249 -27.35 10.50 15.78
C ARG B 249 -27.05 9.36 14.77
N HIS B 250 -26.07 8.52 15.07
CA HIS B 250 -25.66 7.44 14.17
C HIS B 250 -25.03 6.38 15.01
N TYR B 251 -24.97 5.17 14.47
CA TYR B 251 -24.34 4.08 15.19
C TYR B 251 -22.84 4.39 15.27
N MET B 252 -22.22 4.66 14.12
CA MET B 252 -20.77 4.93 14.08
C MET B 252 -20.37 5.93 15.13
N GLN B 253 -21.16 6.99 15.25
CA GLN B 253 -20.98 7.97 16.31
C GLN B 253 -20.97 7.30 17.71
N LYS B 254 -22.06 6.61 18.04
CA LYS B 254 -22.10 5.81 19.28
C LYS B 254 -20.87 4.91 19.39
N GLU B 255 -20.58 4.13 18.34
CA GLU B 255 -19.51 3.15 18.40
C GLU B 255 -18.15 3.85 18.60
N ILE B 256 -18.05 5.10 18.23
CA ILE B 256 -16.79 5.81 18.51
C ILE B 256 -16.72 6.21 19.97
N TYR B 257 -17.80 6.78 20.47
CA TYR B 257 -17.84 7.22 21.85
C TYR B 257 -17.83 6.03 22.85
N GLU B 258 -17.97 4.81 22.34
CA GLU B 258 -18.06 3.63 23.17
C GLU B 258 -16.71 2.91 23.24
N GLN B 259 -15.69 3.45 22.59
CA GLN B 259 -14.39 2.78 22.56
C GLN B 259 -13.79 2.53 23.98
N PRO B 260 -13.81 3.55 24.82
CA PRO B 260 -13.31 3.40 26.19
C PRO B 260 -14.00 2.24 26.94
N ASN B 261 -15.32 2.11 26.82
CA ASN B 261 -16.05 0.98 27.41
C ASN B 261 -15.67 -0.34 26.79
N ALA B 262 -15.65 -0.36 25.48
CA ALA B 262 -15.41 -1.55 24.70
C ALA B 262 -14.02 -2.12 24.94
N ILE B 263 -13.05 -1.23 25.15
CA ILE B 263 -11.67 -1.60 25.46
C ILE B 263 -11.60 -2.12 26.90
N LYS B 264 -12.38 -1.50 27.78
CA LYS B 264 -12.50 -1.94 29.15
C LYS B 264 -12.95 -3.42 29.14
N ASN B 265 -13.93 -3.73 28.30
CA ASN B 265 -14.49 -5.08 28.17
C ASN B 265 -13.45 -6.01 27.54
N THR B 266 -12.78 -5.53 26.49
CA THR B 266 -11.74 -6.29 25.85
C THR B 266 -10.70 -6.78 26.83
N LEU B 267 -10.44 -5.97 27.87
CA LEU B 267 -9.39 -6.21 28.82
C LEU B 267 -9.84 -7.07 29.99
N THR B 268 -11.11 -6.96 30.37
CA THR B 268 -11.65 -7.68 31.53
C THR B 268 -11.14 -9.10 31.53
N GLY B 269 -10.52 -9.49 32.63
CA GLY B 269 -10.06 -10.85 32.80
C GLY B 269 -8.74 -11.19 32.15
N ARG B 270 -8.11 -10.24 31.48
CA ARG B 270 -6.89 -10.56 30.75
C ARG B 270 -5.65 -9.88 31.30
N ILE B 271 -5.87 -9.07 32.35
CA ILE B 271 -4.81 -8.29 33.00
C ILE B 271 -4.71 -8.78 34.45
N SER B 272 -3.66 -9.55 34.70
CA SER B 272 -3.39 -10.08 36.03
C SER B 272 -2.20 -9.35 36.67
N HIS B 273 -2.49 -8.49 37.65
CA HIS B 273 -1.45 -7.85 38.47
C HIS B 273 -0.26 -7.48 37.57
N GLY B 274 -0.51 -6.53 36.68
CA GLY B 274 0.49 -6.03 35.74
C GLY B 274 1.01 -6.96 34.63
N GLN B 275 0.40 -8.14 34.51
CA GLN B 275 0.79 -9.16 33.52
C GLN B 275 -0.39 -9.55 32.65
N VAL B 276 -0.10 -10.03 31.43
CA VAL B 276 -1.16 -10.42 30.52
C VAL B 276 -1.46 -11.88 30.80
N ASP B 277 -2.75 -12.23 30.89
CA ASP B 277 -3.21 -13.61 31.10
C ASP B 277 -4.12 -14.04 29.96
N LEU B 278 -3.69 -15.05 29.24
CA LEU B 278 -4.47 -15.50 28.12
C LEU B 278 -4.91 -16.93 28.36
N SER B 279 -4.91 -17.35 29.63
CA SER B 279 -5.25 -18.71 29.97
C SER B 279 -6.51 -19.18 29.24
N GLU B 280 -7.50 -18.28 29.01
CA GLU B 280 -8.72 -18.60 28.23
C GLU B 280 -8.49 -19.48 26.97
N LEU B 281 -7.26 -19.45 26.45
CA LEU B 281 -6.93 -20.24 25.28
C LEU B 281 -6.92 -21.75 25.54
N GLY B 282 -6.85 -22.10 26.81
CA GLY B 282 -6.71 -23.49 27.23
C GLY B 282 -5.35 -23.82 27.83
N PRO B 283 -5.34 -24.88 28.61
CA PRO B 283 -4.15 -25.30 29.40
C PRO B 283 -2.81 -25.59 28.65
N ASN B 284 -2.77 -25.64 27.31
CA ASN B 284 -1.58 -26.09 26.59
C ASN B 284 -1.30 -25.09 25.51
N ALA B 285 -1.83 -23.88 25.72
CA ALA B 285 -1.70 -22.85 24.71
C ALA B 285 -0.24 -22.47 24.65
N ASP B 286 0.40 -22.45 25.80
CA ASP B 286 1.79 -22.01 25.87
C ASP B 286 2.76 -23.01 25.24
N GLU B 287 2.43 -24.31 25.26
CA GLU B 287 3.25 -25.31 24.57
C GLU B 287 3.42 -24.87 23.13
N LEU B 288 2.34 -24.35 22.55
CA LEU B 288 2.29 -23.94 21.14
C LEU B 288 2.89 -22.57 20.92
N LEU B 289 2.41 -21.60 21.70
CA LEU B 289 2.87 -20.26 21.52
C LEU B 289 4.37 -20.11 21.73
N SER B 290 4.96 -20.97 22.59
CA SER B 290 6.41 -20.95 22.78
C SER B 290 7.17 -21.43 21.56
N LYS B 291 6.48 -22.16 20.68
CA LYS B 291 7.12 -22.66 19.45
C LYS B 291 7.24 -21.58 18.35
N VAL B 292 6.39 -20.59 18.42
CA VAL B 292 6.24 -19.61 17.37
C VAL B 292 7.54 -18.84 17.07
N GLU B 293 8.07 -19.01 15.85
CA GLU B 293 9.21 -18.25 15.34
C GLU B 293 8.87 -17.19 14.32
N HIS B 294 7.63 -17.22 13.85
CA HIS B 294 7.16 -16.34 12.78
C HIS B 294 5.67 -16.15 12.87
N ILE B 295 5.20 -15.00 12.51
CA ILE B 295 3.77 -14.74 12.54
C ILE B 295 3.24 -14.41 11.13
N GLN B 296 2.26 -15.14 10.63
CA GLN B 296 1.59 -14.74 9.38
C GLN B 296 0.22 -14.20 9.73
N ILE B 297 -0.05 -12.96 9.34
CA ILE B 297 -1.39 -12.40 9.57
C ILE B 297 -2.10 -12.25 8.23
N LEU B 298 -3.38 -12.59 8.20
CA LEU B 298 -4.22 -12.44 7.02
C LEU B 298 -5.45 -11.59 7.35
N ALA B 299 -5.76 -10.59 6.53
CA ALA B 299 -7.01 -9.86 6.78
C ALA B 299 -7.40 -8.99 5.57
N CYS B 300 -8.46 -8.17 5.71
CA CYS B 300 -8.85 -7.19 4.69
C CYS B 300 -9.13 -5.82 5.28
N GLY B 301 -9.10 -4.79 4.45
CA GLY B 301 -9.50 -3.46 4.85
C GLY B 301 -8.93 -3.00 6.15
N THR B 302 -9.82 -2.56 7.05
CA THR B 302 -9.39 -2.02 8.33
C THR B 302 -8.69 -3.11 9.11
N SER B 303 -9.17 -4.34 9.00
CA SER B 303 -8.50 -5.41 9.70
C SER B 303 -7.10 -5.63 9.23
N TYR B 304 -6.86 -5.50 7.92
CA TYR B 304 -5.49 -5.58 7.37
C TYR B 304 -4.61 -4.49 8.04
N ASN B 305 -5.19 -3.29 8.18
CA ASN B 305 -4.53 -2.19 8.84
C ASN B 305 -4.13 -2.49 10.29
N SER B 306 -5.00 -3.17 11.06
CA SER B 306 -4.65 -3.42 12.45
C SER B 306 -3.53 -4.41 12.41
N GLY B 307 -3.62 -5.33 11.47
CA GLY B 307 -2.54 -6.28 11.27
C GLY B 307 -1.18 -5.61 11.03
N MET B 308 -1.21 -4.56 10.24
CA MET B 308 -0.03 -3.77 9.86
C MET B 308 0.55 -3.04 11.05
N VAL B 309 -0.31 -2.50 11.91
CA VAL B 309 0.20 -1.88 13.13
C VAL B 309 0.98 -2.87 13.94
N SER B 310 0.47 -4.10 14.04
CA SER B 310 1.05 -5.09 14.95
C SER B 310 2.41 -5.63 14.43
N ARG B 311 2.62 -5.57 13.14
CA ARG B 311 3.88 -6.01 12.61
C ARG B 311 5.01 -5.18 13.21
N TYR B 312 4.77 -3.89 13.43
CA TYR B 312 5.80 -3.01 14.01
C TYR B 312 6.03 -3.43 15.46
N TRP B 313 4.97 -3.62 16.23
CA TRP B 313 5.08 -4.15 17.58
C TRP B 313 5.77 -5.51 17.71
N PHE B 314 5.30 -6.50 16.97
CA PHE B 314 5.85 -7.83 17.04
C PHE B 314 7.32 -7.83 16.75
N GLU B 315 7.73 -7.11 15.72
CA GLU B 315 9.13 -7.19 15.37
C GLU B 315 10.01 -6.39 16.36
N SER B 316 9.59 -5.18 16.74
CA SER B 316 10.41 -4.37 17.65
C SER B 316 10.35 -4.80 19.11
N LEU B 317 9.16 -5.16 19.62
CA LEU B 317 9.08 -5.44 21.06
C LEU B 317 9.36 -6.88 21.43
N ALA B 318 8.83 -7.82 20.65
CA ALA B 318 9.03 -9.24 20.87
C ALA B 318 10.16 -9.80 20.00
N GLY B 319 10.69 -9.01 19.06
CA GLY B 319 11.75 -9.47 18.18
C GLY B 319 11.34 -10.70 17.39
N ILE B 320 10.04 -10.84 17.12
CA ILE B 320 9.49 -11.94 16.30
C ILE B 320 9.11 -11.55 14.85
N PRO B 321 9.70 -12.17 13.84
CA PRO B 321 9.31 -11.91 12.46
C PRO B 321 7.81 -12.03 12.26
N CYS B 322 7.23 -11.10 11.51
CA CYS B 322 5.80 -11.01 11.32
C CYS B 322 5.53 -10.49 9.90
N ASP B 323 4.67 -11.19 9.17
CA ASP B 323 4.26 -10.76 7.84
C ASP B 323 2.77 -10.58 7.86
N VAL B 324 2.32 -9.57 7.11
CA VAL B 324 0.93 -9.29 7.00
C VAL B 324 0.64 -9.25 5.52
N GLU B 325 -0.48 -9.87 5.12
CA GLU B 325 -0.88 -9.87 3.71
C GLU B 325 -2.38 -9.76 3.50
N ILE B 326 -2.77 -9.01 2.46
CA ILE B 326 -4.16 -8.95 1.95
C ILE B 326 -4.69 -10.37 1.74
N ALA B 327 -5.72 -10.75 2.47
CA ALA B 327 -6.24 -12.13 2.34
C ALA B 327 -6.31 -12.57 0.85
N SER B 328 -6.91 -11.72 -0.02
CA SER B 328 -7.17 -12.09 -1.40
C SER B 328 -5.93 -12.38 -2.21
N GLU B 329 -4.86 -11.65 -1.95
CA GLU B 329 -3.55 -11.87 -2.57
C GLU B 329 -2.80 -13.14 -2.10
N PHE B 330 -2.83 -13.44 -0.80
CA PHE B 330 -2.16 -14.63 -0.26
C PHE B 330 -2.79 -15.91 -0.77
N ARG B 331 -4.12 -15.86 -0.90
CA ARG B 331 -4.93 -17.03 -1.27
C ARG B 331 -4.55 -17.57 -2.62
N TYR B 332 -4.18 -16.71 -3.56
CA TYR B 332 -3.99 -17.19 -4.93
C TYR B 332 -2.52 -17.12 -5.33
N ARG B 333 -1.63 -16.94 -4.37
CA ARG B 333 -0.22 -17.14 -4.65
C ARG B 333 0.40 -18.39 -4.00
N LYS B 334 1.41 -18.90 -4.69
CA LYS B 334 2.24 -19.97 -4.17
C LYS B 334 3.29 -19.30 -3.25
N SER B 335 3.06 -19.36 -1.94
CA SER B 335 3.99 -18.76 -0.99
C SER B 335 5.02 -19.71 -0.39
N ALA B 336 6.08 -19.12 0.13
CA ALA B 336 7.14 -19.87 0.77
C ALA B 336 6.79 -19.85 2.24
N VAL B 337 6.68 -20.98 2.91
CA VAL B 337 6.39 -20.89 4.38
C VAL B 337 7.67 -20.81 5.23
N ARG B 338 7.58 -20.08 6.33
CA ARG B 338 8.65 -20.04 7.33
C ARG B 338 8.43 -21.09 8.42
N ARG B 339 9.54 -21.63 8.92
CA ARG B 339 9.51 -22.59 10.00
C ARG B 339 8.79 -22.00 11.21
N ASN B 340 8.00 -22.86 11.85
CA ASN B 340 7.30 -22.54 13.09
C ASN B 340 6.41 -21.29 13.07
N SER B 341 5.50 -21.26 12.10
CA SER B 341 4.75 -20.04 11.85
C SER B 341 3.35 -20.14 12.40
N LEU B 342 2.89 -19.09 13.08
CA LEU B 342 1.51 -19.02 13.60
C LEU B 342 0.59 -18.16 12.70
N MET B 343 -0.50 -18.76 12.25
CA MET B 343 -1.36 -18.08 11.33
C MET B 343 -2.31 -17.28 12.15
N ILE B 344 -2.35 -15.97 11.91
CA ILE B 344 -3.33 -15.16 12.60
C ILE B 344 -4.31 -14.57 11.59
N THR B 345 -5.59 -14.66 11.88
CA THR B 345 -6.55 -13.89 11.07
C THR B 345 -7.18 -12.84 11.94
N LEU B 346 -7.43 -11.67 11.36
CA LEU B 346 -8.16 -10.62 12.02
C LEU B 346 -9.45 -10.34 11.28
N SER B 347 -10.58 -10.29 12.01
CA SER B 347 -11.90 -10.04 11.41
C SER B 347 -12.97 -9.54 12.36
N GLN B 348 -13.61 -8.43 12.02
CA GLN B 348 -14.68 -7.90 12.90
C GLN B 348 -15.95 -8.79 12.85
N SER B 349 -16.23 -9.35 11.67
CA SER B 349 -17.46 -10.11 11.47
C SER B 349 -17.25 -11.59 11.55
N GLY B 350 -16.00 -12.02 11.44
CA GLY B 350 -15.76 -13.42 11.22
C GLY B 350 -16.40 -13.92 9.94
N GLU B 351 -16.94 -13.01 9.11
CA GLU B 351 -17.70 -13.48 7.90
C GLU B 351 -17.13 -13.07 6.51
N THR B 352 -15.88 -12.59 6.51
CA THR B 352 -15.23 -12.16 5.28
C THR B 352 -14.65 -13.35 4.46
N ALA B 353 -15.24 -13.55 3.29
CA ALA B 353 -14.87 -14.69 2.40
C ALA B 353 -13.34 -14.76 2.07
N ASP B 354 -12.73 -13.68 1.65
CA ASP B 354 -11.29 -13.74 1.37
C ASP B 354 -10.52 -14.22 2.62
N THR B 355 -10.80 -13.63 3.78
CA THR B 355 -10.08 -14.01 4.97
C THR B 355 -10.31 -15.48 5.25
N LEU B 356 -11.58 -15.88 5.15
CA LEU B 356 -11.98 -17.27 5.37
C LEU B 356 -11.16 -18.15 4.40
N ALA B 357 -11.16 -17.75 3.13
CA ALA B 357 -10.47 -18.50 2.07
C ALA B 357 -9.00 -18.68 2.40
N GLY B 358 -8.38 -17.54 2.80
CA GLY B 358 -7.01 -17.51 3.35
C GLY B 358 -6.77 -18.56 4.45
N LEU B 359 -7.65 -18.53 5.44
CA LEU B 359 -7.55 -19.48 6.52
C LEU B 359 -7.79 -20.93 6.05
N ARG B 360 -8.66 -21.16 5.09
CA ARG B 360 -8.86 -22.56 4.67
C ARG B 360 -7.61 -23.11 3.94
N LEU B 361 -7.05 -22.28 3.03
CA LEU B 361 -5.81 -22.62 2.35
C LEU B 361 -4.70 -22.94 3.37
N SER B 362 -4.63 -22.13 4.41
CA SER B 362 -3.62 -22.26 5.45
C SER B 362 -3.52 -23.69 6.03
N LYS B 363 -4.63 -24.42 6.12
CA LYS B 363 -4.61 -25.75 6.76
C LYS B 363 -3.86 -26.81 5.96
N GLU B 364 -3.72 -26.58 4.66
CA GLU B 364 -2.92 -27.47 3.81
C GLU B 364 -1.42 -27.10 3.88
N LEU B 365 -1.10 -25.94 4.45
CA LEU B 365 0.26 -25.41 4.36
C LEU B 365 1.22 -25.71 5.54
N GLY B 366 0.69 -26.27 6.63
CA GLY B 366 1.52 -26.67 7.76
C GLY B 366 2.08 -25.59 8.72
N TYR B 367 1.25 -24.61 9.04
CA TYR B 367 1.45 -23.73 10.17
C TYR B 367 1.31 -24.48 11.51
N LEU B 368 1.84 -23.86 12.57
CA LEU B 368 1.76 -24.47 13.90
C LEU B 368 0.31 -24.55 14.40
N GLY B 369 -0.51 -23.66 13.85
CA GLY B 369 -1.89 -23.55 14.29
C GLY B 369 -2.43 -22.21 13.84
N SER B 370 -3.68 -21.97 14.24
CA SER B 370 -4.43 -20.83 13.73
C SER B 370 -5.21 -20.14 14.84
N LEU B 371 -4.87 -18.88 15.05
CA LEU B 371 -5.55 -18.08 16.00
C LEU B 371 -6.41 -17.07 15.22
N ALA B 372 -7.65 -16.87 15.67
CA ALA B 372 -8.56 -15.86 15.14
C ALA B 372 -8.82 -14.75 16.15
N ILE B 373 -8.62 -13.52 15.73
CA ILE B 373 -9.05 -12.40 16.54
C ILE B 373 -10.36 -11.85 15.97
N CYS B 374 -11.49 -12.29 16.54
CA CYS B 374 -12.76 -11.92 15.99
C CYS B 374 -13.61 -11.18 16.99
N ASN B 375 -14.61 -10.46 16.52
CA ASN B 375 -15.58 -9.79 17.41
C ASN B 375 -17.00 -10.41 17.48
N VAL B 376 -17.22 -11.57 16.86
CA VAL B 376 -18.53 -12.17 16.68
C VAL B 376 -18.38 -13.62 17.06
N PRO B 377 -18.83 -13.96 18.27
CA PRO B 377 -18.78 -15.35 18.75
C PRO B 377 -19.52 -16.29 17.78
N GLY B 378 -19.05 -17.54 17.63
CA GLY B 378 -19.66 -18.47 16.67
C GLY B 378 -19.80 -18.06 15.19
N SER B 379 -18.96 -17.13 14.73
CA SER B 379 -18.89 -16.83 13.29
C SER B 379 -18.02 -17.87 12.54
N SER B 380 -18.18 -17.92 11.21
CA SER B 380 -17.49 -18.89 10.34
C SER B 380 -16.00 -18.98 10.71
N LEU B 381 -15.40 -17.79 10.82
CA LEU B 381 -14.00 -17.59 11.17
C LEU B 381 -13.64 -18.22 12.53
N VAL B 382 -14.38 -17.84 13.58
CA VAL B 382 -14.18 -18.43 14.89
C VAL B 382 -14.37 -19.97 14.87
N ARG B 383 -15.40 -20.47 14.17
CA ARG B 383 -15.59 -21.91 14.25
C ARG B 383 -14.36 -22.68 13.68
N GLU B 384 -13.92 -22.15 12.53
CA GLU B 384 -12.97 -22.76 11.61
C GLU B 384 -11.49 -22.66 12.00
N SER B 385 -11.21 -21.98 13.10
CA SER B 385 -9.86 -21.80 13.61
C SER B 385 -9.61 -22.57 14.88
N ASP B 386 -8.33 -22.89 15.11
CA ASP B 386 -7.94 -23.68 16.30
C ASP B 386 -8.23 -22.95 17.62
N LEU B 387 -8.03 -21.63 17.59
CA LEU B 387 -7.91 -20.73 18.75
C LEU B 387 -8.57 -19.39 18.42
N ALA B 388 -9.20 -18.77 19.41
CA ALA B 388 -9.84 -17.46 19.23
C ALA B 388 -9.77 -16.54 20.46
N LEU B 389 -9.58 -15.27 20.15
CA LEU B 389 -9.54 -14.21 21.10
C LEU B 389 -10.64 -13.23 20.68
N MET B 390 -11.73 -13.24 21.43
CA MET B 390 -12.85 -12.36 21.16
C MET B 390 -12.55 -10.93 21.63
N THR B 391 -12.67 -9.95 20.72
CA THR B 391 -12.50 -8.59 21.12
C THR B 391 -13.54 -8.03 22.08
N ASN B 392 -14.74 -8.58 22.10
CA ASN B 392 -15.69 -8.20 23.14
C ASN B 392 -16.10 -6.73 23.06
N ALA B 393 -16.19 -6.20 21.85
CA ALA B 393 -16.59 -4.79 21.68
C ALA B 393 -18.10 -4.55 21.63
N GLY B 394 -18.87 -5.62 21.54
CA GLY B 394 -20.30 -5.53 21.28
C GLY B 394 -20.42 -5.35 19.76
N THR B 395 -21.56 -5.79 19.21
CA THR B 395 -21.88 -5.73 17.77
C THR B 395 -21.68 -4.32 17.24
N GLU B 396 -21.16 -4.23 16.04
CA GLU B 396 -20.91 -2.95 15.47
C GLU B 396 -21.79 -2.92 14.26
N ILE B 397 -22.52 -1.83 14.11
CA ILE B 397 -23.51 -1.72 13.03
C ILE B 397 -22.96 -0.88 11.90
N GLY B 398 -22.35 0.24 12.24
CA GLY B 398 -21.76 1.07 11.24
C GLY B 398 -20.85 0.29 10.32
N VAL B 399 -21.08 0.42 9.03
CA VAL B 399 -20.17 -0.20 8.05
C VAL B 399 -18.72 0.11 8.37
N ALA B 400 -18.44 1.35 8.74
CA ALA B 400 -17.07 1.75 8.99
C ALA B 400 -16.72 1.28 10.42
N SER B 401 -15.75 0.39 10.53
CA SER B 401 -15.25 -0.08 11.83
C SER B 401 -14.54 1.00 12.72
N THR B 402 -15.02 1.16 13.95
CA THR B 402 -14.40 2.07 14.89
C THR B 402 -13.86 1.29 16.09
N LYS B 403 -14.75 0.90 17.00
CA LYS B 403 -14.35 0.15 18.19
C LYS B 403 -13.75 -1.22 17.82
N ALA B 404 -14.23 -1.83 16.73
CA ALA B 404 -13.67 -3.10 16.32
C ALA B 404 -12.17 -2.97 16.06
N PHE B 405 -11.76 -1.86 15.47
CA PHE B 405 -10.36 -1.67 15.13
C PHE B 405 -9.50 -1.52 16.40
N THR B 406 -9.94 -0.63 17.30
CA THR B 406 -9.16 -0.35 18.51
C THR B 406 -9.09 -1.59 19.45
N THR B 407 -10.20 -2.32 19.60
CA THR B 407 -10.20 -3.62 20.31
C THR B 407 -9.30 -4.71 19.68
N GLN B 408 -9.36 -4.88 18.37
CA GLN B 408 -8.34 -5.70 17.69
C GLN B 408 -6.89 -5.26 18.05
N LEU B 409 -6.63 -3.97 18.08
CA LEU B 409 -5.28 -3.52 18.38
C LEU B 409 -4.93 -3.86 19.82
N THR B 410 -5.89 -3.62 20.73
CA THR B 410 -5.75 -3.99 22.12
C THR B 410 -5.32 -5.45 22.26
N VAL B 411 -6.05 -6.36 21.62
CA VAL B 411 -5.74 -7.81 21.72
C VAL B 411 -4.40 -8.13 21.15
N LEU B 412 -4.08 -7.53 20.01
CA LEU B 412 -2.82 -7.80 19.35
C LEU B 412 -1.65 -7.47 20.26
N LEU B 413 -1.76 -6.33 20.93
CA LEU B 413 -0.73 -5.88 21.85
C LEU B 413 -0.61 -6.84 23.08
N MET B 414 -1.74 -7.37 23.52
CA MET B 414 -1.67 -8.33 24.62
C MET B 414 -0.89 -9.55 24.17
N LEU B 415 -1.21 -10.00 22.97
CA LEU B 415 -0.50 -11.10 22.40
C LEU B 415 0.99 -10.78 22.30
N VAL B 416 1.37 -9.55 21.92
CA VAL B 416 2.77 -9.14 21.80
C VAL B 416 3.45 -9.30 23.12
N ALA B 417 2.85 -8.73 24.16
CA ALA B 417 3.34 -8.95 25.53
C ALA B 417 3.45 -10.43 25.92
N LYS B 418 2.40 -11.21 25.65
CA LYS B 418 2.43 -12.63 26.00
C LYS B 418 3.60 -13.33 25.36
N LEU B 419 3.85 -13.07 24.08
CA LEU B 419 5.00 -13.72 23.43
C LEU B 419 6.35 -13.22 23.93
N SER B 420 6.47 -11.92 24.23
CA SER B 420 7.73 -11.42 24.71
C SER B 420 8.18 -12.23 25.97
N ARG B 421 7.28 -12.38 26.95
CA ARG B 421 7.56 -13.15 28.13
C ARG B 421 7.89 -14.65 27.82
N LEU B 422 7.24 -15.26 26.82
CA LEU B 422 7.49 -16.68 26.52
C LEU B 422 8.87 -16.87 25.94
N LYS B 423 9.31 -15.89 25.17
CA LYS B 423 10.64 -15.91 24.61
C LYS B 423 11.65 -15.55 25.68
N GLY B 424 11.18 -15.16 26.85
CA GLY B 424 12.03 -14.78 27.98
C GLY B 424 12.73 -13.44 27.83
N LEU B 425 12.10 -12.50 27.15
CA LEU B 425 12.66 -11.15 27.04
C LEU B 425 12.46 -10.42 28.36
N ASP B 426 13.01 -9.21 28.48
CA ASP B 426 12.90 -8.43 29.72
C ASP B 426 11.42 -8.29 30.17
N ALA B 427 11.09 -8.38 31.45
CA ALA B 427 9.68 -8.25 31.85
C ALA B 427 9.17 -6.79 31.79
N SER B 428 10.10 -5.89 31.53
CA SER B 428 9.72 -4.49 31.45
C SER B 428 8.86 -4.17 30.21
N ILE B 429 9.10 -4.91 29.13
CA ILE B 429 8.31 -4.81 27.90
C ILE B 429 6.82 -5.04 28.20
N GLU B 430 6.48 -6.21 28.77
CA GLU B 430 5.11 -6.54 29.18
C GLU B 430 4.54 -5.50 30.15
N HIS B 431 5.35 -5.11 31.13
CA HIS B 431 4.96 -4.03 32.03
C HIS B 431 4.43 -2.77 31.35
N ASP B 432 5.23 -2.18 30.44
CA ASP B 432 4.82 -0.99 29.72
C ASP B 432 3.68 -1.33 28.80
N ILE B 433 3.65 -2.51 28.22
CA ILE B 433 2.46 -2.83 27.40
C ILE B 433 1.19 -2.80 28.24
N VAL B 434 1.19 -3.53 29.35
CA VAL B 434 0.04 -3.64 30.28
C VAL B 434 -0.33 -2.28 30.88
N HIS B 435 0.69 -1.56 31.36
CA HIS B 435 0.50 -0.23 31.95
C HIS B 435 -0.17 0.72 30.93
N GLY B 436 0.29 0.67 29.68
CA GLY B 436 -0.30 1.47 28.62
C GLY B 436 -1.74 1.08 28.31
N LEU B 437 -1.98 -0.22 28.18
CA LEU B 437 -3.31 -0.73 27.94
C LEU B 437 -4.29 -0.29 29.05
N GLN B 438 -3.88 -0.36 30.31
CA GLN B 438 -4.75 0.09 31.40
C GLN B 438 -5.20 1.57 31.31
N ALA B 439 -4.30 2.46 30.84
CA ALA B 439 -4.61 3.88 30.69
C ALA B 439 -5.45 4.21 29.47
N LEU B 440 -5.34 3.36 28.42
CA LEU B 440 -6.00 3.54 27.13
C LEU B 440 -7.46 3.98 27.21
N PRO B 441 -8.33 3.33 27.98
CA PRO B 441 -9.73 3.77 28.01
C PRO B 441 -9.85 5.24 28.48
N SER B 442 -9.20 5.59 29.58
CA SER B 442 -9.39 6.93 30.08
C SER B 442 -8.67 7.92 29.16
N ARG B 443 -7.69 7.48 28.38
CA ARG B 443 -6.98 8.44 27.51
C ARG B 443 -7.87 8.85 26.37
N ILE B 444 -8.51 7.85 25.81
CA ILE B 444 -9.50 8.07 24.76
C ILE B 444 -10.61 9.02 25.28
N GLU B 445 -11.11 8.78 26.49
CA GLU B 445 -12.15 9.61 27.07
C GLU B 445 -11.71 11.09 26.95
N GLN B 446 -10.42 11.32 27.14
CA GLN B 446 -9.93 12.68 27.23
C GLN B 446 -9.61 13.17 25.83
N MET B 447 -9.59 12.26 24.87
CA MET B 447 -9.50 12.63 23.48
C MET B 447 -10.84 13.17 22.97
N LEU B 448 -11.93 12.45 23.25
CA LEU B 448 -13.24 12.81 22.71
C LEU B 448 -13.76 14.19 23.15
N SER B 449 -13.21 14.73 24.23
CA SER B 449 -13.56 16.10 24.64
C SER B 449 -13.06 17.12 23.56
N GLN B 450 -12.37 16.63 22.55
CA GLN B 450 -11.99 17.59 21.53
C GLN B 450 -12.75 17.41 20.25
N ASP B 451 -13.80 16.60 20.35
CA ASP B 451 -14.77 16.44 19.28
C ASP B 451 -15.12 17.80 18.64
N LYS B 452 -15.63 18.74 19.43
CA LYS B 452 -15.92 20.09 18.93
C LYS B 452 -14.85 20.67 17.96
N ARG B 453 -13.60 20.67 18.40
CA ARG B 453 -12.50 21.18 17.56
C ARG B 453 -12.39 20.44 16.25
N ILE B 454 -12.56 19.10 16.29
CA ILE B 454 -12.46 18.31 15.07
C ILE B 454 -13.60 18.79 14.16
N GLU B 455 -14.78 18.98 14.75
CA GLU B 455 -15.98 19.26 13.98
C GLU B 455 -15.83 20.57 13.20
N ALA B 456 -15.37 21.60 13.90
CA ALA B 456 -15.10 22.86 13.24
C ALA B 456 -14.04 22.66 12.14
N LEU B 457 -13.08 21.78 12.39
CA LEU B 457 -12.04 21.58 11.41
C LEU B 457 -12.62 20.85 10.17
N ALA B 458 -13.65 20.01 10.36
CA ALA B 458 -14.23 19.19 9.28
C ALA B 458 -14.80 20.14 8.23
N GLU B 459 -15.31 21.28 8.72
CA GLU B 459 -15.90 22.31 7.88
C GLU B 459 -15.00 22.77 6.70
N ASP B 460 -13.74 22.38 6.71
CA ASP B 460 -12.86 22.80 5.63
C ASP B 460 -12.91 21.84 4.49
N PHE B 461 -13.53 20.70 4.69
CA PHE B 461 -13.45 19.67 3.69
C PHE B 461 -14.72 19.65 2.83
N SER B 462 -15.61 20.58 3.09
CA SER B 462 -16.91 20.50 2.45
C SER B 462 -16.71 20.58 0.95
N ASP B 463 -15.82 21.45 0.52
CA ASP B 463 -15.67 21.68 -0.89
C ASP B 463 -14.57 20.80 -1.42
N LYS B 464 -13.94 19.98 -0.60
CA LYS B 464 -12.77 19.21 -1.09
C LYS B 464 -13.20 17.85 -1.71
N HIS B 465 -12.35 17.29 -2.61
CA HIS B 465 -12.59 16.04 -3.30
C HIS B 465 -11.38 15.11 -3.22
N HIS B 466 -10.30 15.61 -2.61
CA HIS B 466 -9.10 14.83 -2.38
C HIS B 466 -8.61 15.07 -0.94
N ALA B 467 -7.83 14.12 -0.42
CA ALA B 467 -7.15 14.30 0.86
C ALA B 467 -5.96 13.35 0.89
N LEU B 468 -4.83 13.80 1.40
CA LEU B 468 -3.71 12.89 1.55
C LEU B 468 -3.43 12.67 3.06
N PHE B 469 -3.07 11.46 3.46
CA PHE B 469 -2.79 11.15 4.87
C PHE B 469 -1.35 10.63 5.00
N LEU B 470 -0.60 11.13 5.98
CA LEU B 470 0.76 10.74 6.21
C LEU B 470 1.01 10.24 7.67
N GLY B 471 1.76 9.15 7.78
CA GLY B 471 2.25 8.68 9.06
C GLY B 471 3.60 7.99 8.86
N ARG B 472 4.33 7.82 9.95
CA ARG B 472 5.61 7.13 9.93
C ARG B 472 5.61 6.01 10.94
N GLY B 473 6.33 4.93 10.67
CA GLY B 473 6.50 3.88 11.63
C GLY B 473 5.17 3.27 11.96
N ASP B 474 4.90 3.04 13.27
CA ASP B 474 3.65 2.37 13.59
C ASP B 474 2.46 3.23 13.32
N GLN B 475 2.68 4.50 13.03
CA GLN B 475 1.60 5.41 12.74
C GLN B 475 1.32 5.41 11.25
N TYR B 476 2.17 4.80 10.45
CA TYR B 476 1.89 4.69 9.05
C TYR B 476 0.62 3.87 8.79
N PRO B 477 0.45 2.66 9.35
CA PRO B 477 -0.82 1.99 9.12
C PRO B 477 -2.01 2.80 9.67
N ILE B 478 -1.74 3.74 10.57
CA ILE B 478 -2.87 4.56 11.09
C ILE B 478 -3.29 5.63 10.09
N ALA B 479 -2.32 6.20 9.39
CA ALA B 479 -2.60 7.00 8.23
C ALA B 479 -3.48 6.20 7.22
N LEU B 480 -3.11 4.96 6.90
CA LEU B 480 -3.90 4.14 5.99
C LEU B 480 -5.31 4.02 6.50
N GLU B 481 -5.47 3.93 7.81
CA GLU B 481 -6.78 3.69 8.43
C GLU B 481 -7.62 4.95 8.35
N GLY B 482 -6.99 6.10 8.59
CA GLY B 482 -7.67 7.36 8.47
C GLY B 482 -8.17 7.58 7.08
N ALA B 483 -7.34 7.25 6.09
CA ALA B 483 -7.71 7.47 4.71
C ALA B 483 -8.82 6.51 4.32
N LEU B 484 -8.74 5.26 4.75
CA LEU B 484 -9.80 4.32 4.43
C LEU B 484 -11.14 4.79 5.01
N LYS B 485 -11.11 5.32 6.24
CA LYS B 485 -12.32 5.81 6.89
C LYS B 485 -12.90 6.95 6.04
N LEU B 486 -12.07 7.92 5.63
CA LEU B 486 -12.59 9.10 4.96
C LEU B 486 -13.21 8.79 3.61
N LYS B 487 -12.50 8.04 2.75
CA LYS B 487 -13.03 7.49 1.52
C LYS B 487 -14.45 6.92 1.78
N GLU B 488 -14.50 5.86 2.57
CA GLU B 488 -15.70 5.03 2.72
C GLU B 488 -16.94 5.82 3.00
N ILE B 489 -16.85 6.79 3.91
CA ILE B 489 -18.12 7.42 4.36
C ILE B 489 -18.33 8.85 3.90
N SER B 490 -17.28 9.48 3.37
CA SER B 490 -17.44 10.81 2.82
C SER B 490 -17.24 10.84 1.28
N TYR B 491 -16.75 9.74 0.72
CA TYR B 491 -16.56 9.65 -0.72
C TYR B 491 -15.53 10.58 -1.23
N ILE B 492 -14.90 11.37 -0.35
CA ILE B 492 -13.72 12.15 -0.69
C ILE B 492 -12.57 11.18 -1.07
N HIS B 493 -11.77 11.53 -2.09
CA HIS B 493 -10.70 10.61 -2.50
C HIS B 493 -9.48 10.78 -1.60
N ALA B 494 -9.48 10.07 -0.48
CA ALA B 494 -8.41 10.08 0.52
C ALA B 494 -7.44 8.97 0.17
N GLU B 495 -6.14 9.23 0.32
CA GLU B 495 -5.12 8.25 0.05
C GLU B 495 -3.96 8.45 1.06
N ALA B 496 -3.45 7.34 1.62
CA ALA B 496 -2.37 7.43 2.60
C ALA B 496 -1.06 6.96 2.05
N TYR B 497 0.01 7.54 2.59
CA TYR B 497 1.36 7.16 2.26
C TYR B 497 2.21 7.10 3.49
N ALA B 498 3.21 6.25 3.52
CA ALA B 498 4.25 6.38 4.55
C ALA B 498 4.85 7.78 4.30
N ALA B 499 5.01 8.58 5.35
CA ALA B 499 5.39 9.99 5.20
C ALA B 499 6.63 10.21 4.24
N GLY B 500 7.72 9.49 4.49
CA GLY B 500 8.88 9.51 3.66
C GLY B 500 8.78 9.03 2.23
N GLU B 501 7.65 8.44 1.82
CA GLU B 501 7.45 7.98 0.43
C GLU B 501 6.79 9.01 -0.49
N LEU B 502 6.04 9.94 0.12
CA LEU B 502 5.31 10.91 -0.64
C LEU B 502 6.19 11.61 -1.67
N LYS B 503 7.43 11.88 -1.33
CA LYS B 503 8.34 12.60 -2.19
C LYS B 503 8.74 11.79 -3.42
N HIS B 504 8.56 10.47 -3.39
CA HIS B 504 9.00 9.66 -4.54
C HIS B 504 8.03 9.62 -5.75
N GLY B 505 7.38 10.74 -6.02
CA GLY B 505 6.41 10.79 -7.12
C GLY B 505 5.09 11.41 -6.71
N PRO B 506 4.42 10.86 -5.70
CA PRO B 506 3.09 11.36 -5.29
C PRO B 506 3.03 12.83 -4.81
N LEU B 507 4.12 13.37 -4.31
CA LEU B 507 4.24 14.81 -4.05
C LEU B 507 3.77 15.67 -5.24
N ALA B 508 3.80 15.14 -6.46
CA ALA B 508 3.30 15.92 -7.61
C ALA B 508 1.82 16.33 -7.51
N LEU B 509 1.10 15.66 -6.61
CA LEU B 509 -0.31 15.93 -6.46
C LEU B 509 -0.52 17.17 -5.62
N ILE B 510 0.53 17.67 -5.01
CA ILE B 510 0.33 18.76 -4.07
C ILE B 510 0.25 20.10 -4.74
N ASP B 511 -0.81 20.86 -4.45
CA ASP B 511 -0.93 22.25 -4.92
C ASP B 511 -1.61 23.01 -3.77
N ALA B 512 -1.93 24.26 -3.96
CA ALA B 512 -2.52 25.03 -2.87
C ALA B 512 -3.81 24.44 -2.32
N ASP B 513 -4.46 23.57 -3.05
CA ASP B 513 -5.80 23.14 -2.66
C ASP B 513 -5.87 21.78 -2.00
N MET B 514 -4.75 21.08 -1.87
CA MET B 514 -4.72 19.75 -1.32
C MET B 514 -4.55 19.70 0.23
N PRO B 515 -5.56 19.20 0.92
CA PRO B 515 -5.43 19.01 2.37
C PRO B 515 -4.50 17.81 2.65
N VAL B 516 -3.59 17.91 3.63
CA VAL B 516 -2.73 16.79 4.06
C VAL B 516 -2.84 16.52 5.57
N ILE B 517 -3.44 15.41 5.94
CA ILE B 517 -3.64 15.08 7.33
C ILE B 517 -2.42 14.28 7.79
N VAL B 518 -1.92 14.63 8.96
CA VAL B 518 -0.70 14.02 9.44
C VAL B 518 -0.91 13.63 10.86
N VAL B 519 -0.50 12.43 11.24
CA VAL B 519 -0.48 12.10 12.65
C VAL B 519 0.91 12.21 13.17
N ALA B 520 1.09 13.03 14.22
CA ALA B 520 2.41 13.34 14.80
C ALA B 520 2.63 13.15 16.31
N PRO B 521 2.82 11.92 16.78
CA PRO B 521 3.15 11.73 18.19
C PRO B 521 4.54 12.29 18.45
N ASN B 522 4.83 12.55 19.71
CA ASN B 522 6.11 13.08 20.15
C ASN B 522 7.02 11.95 20.53
N ASN B 523 7.64 11.36 19.52
CA ASN B 523 8.54 10.23 19.69
C ASN B 523 9.81 10.51 18.93
N GLU B 524 10.60 9.49 18.66
CA GLU B 524 11.94 9.68 18.08
C GLU B 524 11.96 9.92 16.56
N LEU B 525 10.86 9.70 15.89
CA LEU B 525 10.77 10.01 14.47
C LEU B 525 10.31 11.44 14.20
N LEU B 526 10.10 12.23 15.25
CA LEU B 526 9.35 13.48 15.11
C LEU B 526 10.06 14.42 14.13
N GLU B 527 11.36 14.58 14.30
CA GLU B 527 12.14 15.46 13.39
C GLU B 527 12.22 14.88 11.95
N LYS B 528 12.14 13.56 11.78
CA LYS B 528 12.10 13.05 10.40
C LYS B 528 10.81 13.41 9.71
N LEU B 529 9.71 13.23 10.46
CA LEU B 529 8.36 13.48 9.99
C LEU B 529 8.22 14.96 9.65
N LYS B 530 8.69 15.82 10.55
CA LYS B 530 8.74 17.22 10.31
C LYS B 530 9.44 17.62 9.02
N SER B 531 10.55 17.01 8.67
CA SER B 531 11.09 17.27 7.31
C SER B 531 10.04 17.02 6.23
N ASN B 532 9.30 15.93 6.37
CA ASN B 532 8.38 15.52 5.32
C ASN B 532 7.27 16.52 5.25
N ILE B 533 6.87 17.02 6.42
CA ILE B 533 5.81 18.00 6.49
C ILE B 533 6.22 19.29 5.80
N GLU B 534 7.46 19.69 6.00
CA GLU B 534 7.99 20.94 5.44
C GLU B 534 8.12 20.78 3.94
N GLU B 535 8.48 19.59 3.52
CA GLU B 535 8.52 19.33 2.09
C GLU B 535 7.10 19.54 1.48
N VAL B 536 6.04 19.17 2.22
CA VAL B 536 4.73 19.45 1.70
C VAL B 536 4.41 20.94 1.71
N ARG B 537 4.73 21.64 2.77
CA ARG B 537 4.40 23.05 2.83
C ARG B 537 5.14 23.85 1.79
N ALA B 538 6.35 23.44 1.45
CA ALA B 538 7.15 24.03 0.38
C ALA B 538 6.48 24.02 -0.97
N ARG B 539 5.56 23.08 -1.18
CA ARG B 539 4.89 22.98 -2.43
C ARG B 539 3.46 23.52 -2.38
N GLY B 540 3.09 24.11 -1.27
CA GLY B 540 1.79 24.76 -1.18
C GLY B 540 0.64 24.05 -0.50
N GLY B 541 0.85 22.84 0.02
CA GLY B 541 -0.28 22.10 0.53
C GLY B 541 -0.84 22.60 1.87
N GLN B 542 -2.14 22.39 2.09
CA GLN B 542 -2.78 22.80 3.34
C GLN B 542 -2.63 21.70 4.38
N LEU B 543 -1.83 21.87 5.41
CA LEU B 543 -1.70 20.79 6.38
C LEU B 543 -2.66 20.79 7.56
N TYR B 544 -3.14 19.58 7.91
CA TYR B 544 -3.91 19.30 9.15
C TYR B 544 -3.12 18.33 9.99
N VAL B 545 -2.49 18.78 11.06
CA VAL B 545 -1.66 17.94 11.88
C VAL B 545 -2.29 17.65 13.28
N PHE B 546 -2.48 16.37 13.57
CA PHE B 546 -2.88 15.96 14.91
C PHE B 546 -1.60 15.64 15.66
N ALA B 547 -1.19 16.53 16.56
CA ALA B 547 0.15 16.46 17.15
C ALA B 547 0.16 16.53 18.63
N ASP B 548 0.97 15.70 19.23
CA ASP B 548 1.14 15.84 20.65
C ASP B 548 1.34 17.31 21.05
N GLN B 549 0.67 17.70 22.15
CA GLN B 549 0.75 19.00 22.75
C GLN B 549 2.14 19.63 22.71
N ASP B 550 3.23 18.85 22.81
CA ASP B 550 4.58 19.39 22.89
C ASP B 550 5.44 19.17 21.65
N ALA B 551 4.82 18.73 20.55
CA ALA B 551 5.59 18.45 19.33
C ALA B 551 6.24 19.69 18.77
N GLY B 552 5.89 20.85 19.32
CA GLY B 552 6.44 22.12 18.89
C GLY B 552 5.82 22.64 17.60
N PHE B 553 4.70 22.11 17.16
CA PHE B 553 4.01 22.73 16.01
C PHE B 553 3.30 24.08 16.34
N VAL B 554 3.38 25.00 15.40
CA VAL B 554 2.81 26.33 15.53
C VAL B 554 1.81 26.56 14.45
N SER B 555 0.65 27.13 14.74
CA SER B 555 -0.37 27.41 13.71
C SER B 555 0.03 28.41 12.65
N SER B 556 -0.43 28.17 11.42
CA SER B 556 -0.20 29.08 10.30
C SER B 556 -1.44 29.01 9.37
N ASP B 557 -1.47 29.82 8.31
CA ASP B 557 -2.59 29.72 7.34
C ASP B 557 -2.63 28.38 6.64
N ASN B 558 -1.48 27.73 6.50
CA ASN B 558 -1.40 26.45 5.83
C ASN B 558 -1.06 25.36 6.84
N MET B 559 -1.31 25.64 8.11
CA MET B 559 -0.97 24.69 9.17
C MET B 559 -2.01 24.80 10.26
N HIS B 560 -2.89 23.82 10.32
CA HIS B 560 -3.93 23.66 11.36
C HIS B 560 -3.57 22.52 12.26
N ILE B 561 -3.25 22.85 13.50
CA ILE B 561 -2.97 21.89 14.55
C ILE B 561 -4.20 21.52 15.39
N ILE B 562 -4.31 20.24 15.72
CA ILE B 562 -5.18 19.76 16.75
C ILE B 562 -4.23 19.17 17.77
N GLU B 563 -4.14 19.79 18.94
CA GLU B 563 -3.17 19.39 19.97
C GLU B 563 -3.75 18.18 20.65
N MET B 564 -2.91 17.19 20.87
CA MET B 564 -3.35 15.94 21.46
C MET B 564 -2.68 15.83 22.77
N PRO B 565 -3.36 15.24 23.76
CA PRO B 565 -2.75 14.95 25.07
C PRO B 565 -1.62 13.97 24.88
N HIS B 566 -0.72 13.96 25.84
CA HIS B 566 0.36 12.99 25.92
C HIS B 566 -0.20 11.57 26.00
N VAL B 567 0.50 10.62 25.38
CA VAL B 567 0.13 9.21 25.48
C VAL B 567 1.37 8.38 25.58
N GLU B 568 1.22 7.19 26.14
CA GLU B 568 2.31 6.21 26.20
C GLU B 568 2.68 5.77 24.78
N GLU B 569 3.98 5.69 24.40
CA GLU B 569 4.31 5.22 23.04
C GLU B 569 3.60 3.95 22.60
N VAL B 570 3.48 3.00 23.50
CA VAL B 570 3.03 1.69 23.10
C VAL B 570 1.62 1.72 22.58
N ILE B 571 0.80 2.61 23.14
CA ILE B 571 -0.57 2.69 22.74
C ILE B 571 -0.85 3.87 21.85
N ALA B 572 0.18 4.67 21.49
CA ALA B 572 0.02 5.78 20.57
C ALA B 572 -0.80 5.46 19.27
N PRO B 573 -0.45 4.42 18.53
CA PRO B 573 -1.18 4.10 17.28
C PRO B 573 -2.70 4.05 17.51
N ILE B 574 -3.11 3.42 18.63
CA ILE B 574 -4.51 3.22 18.97
C ILE B 574 -5.11 4.56 19.27
N PHE B 575 -4.36 5.30 20.02
CA PHE B 575 -4.76 6.61 20.41
C PHE B 575 -5.00 7.55 19.23
N TYR B 576 -4.04 7.65 18.33
CA TYR B 576 -4.10 8.62 17.23
C TYR B 576 -5.16 8.26 16.17
N THR B 577 -5.73 7.07 16.24
CA THR B 577 -6.81 6.69 15.33
C THR B 577 -8.11 7.49 15.55
N VAL B 578 -8.42 7.69 16.81
CA VAL B 578 -9.71 8.16 17.29
C VAL B 578 -10.06 9.52 16.68
N PRO B 579 -9.13 10.47 16.67
CA PRO B 579 -9.39 11.74 15.99
C PRO B 579 -9.65 11.56 14.49
N LEU B 580 -8.99 10.62 13.85
CA LEU B 580 -9.26 10.41 12.41
C LEU B 580 -10.67 9.78 12.23
N GLN B 581 -11.07 8.90 13.14
CA GLN B 581 -12.47 8.40 13.13
C GLN B 581 -13.49 9.50 13.19
N LEU B 582 -13.26 10.51 14.05
CA LEU B 582 -14.15 11.68 14.17
C LEU B 582 -14.16 12.63 12.97
N LEU B 583 -13.03 12.74 12.31
CA LEU B 583 -12.90 13.66 11.21
C LEU B 583 -13.73 13.06 10.10
N ALA B 584 -13.56 11.74 9.91
CA ALA B 584 -14.28 11.05 8.87
C ALA B 584 -15.80 11.24 9.11
N TYR B 585 -16.24 10.98 10.32
CA TYR B 585 -17.65 11.04 10.66
C TYR B 585 -18.17 12.46 10.42
N HIS B 586 -17.44 13.46 10.91
CA HIS B 586 -17.91 14.86 10.80
C HIS B 586 -17.95 15.36 9.39
N VAL B 587 -17.02 14.82 8.59
CA VAL B 587 -16.94 15.23 7.22
C VAL B 587 -18.06 14.55 6.45
N ALA B 588 -18.33 13.30 6.80
CA ALA B 588 -19.41 12.63 6.14
C ALA B 588 -20.70 13.43 6.38
N LEU B 589 -20.86 13.94 7.60
CA LEU B 589 -22.07 14.68 7.99
C LEU B 589 -22.16 15.92 7.13
N ILE B 590 -21.01 16.52 6.85
CA ILE B 590 -20.95 17.75 6.11
C ILE B 590 -21.37 17.46 4.65
N LYS B 591 -20.78 16.40 4.08
CA LYS B 591 -21.05 15.95 2.74
C LYS B 591 -22.50 15.44 2.62
N GLY B 592 -23.19 15.25 3.75
CA GLY B 592 -24.59 14.84 3.70
C GLY B 592 -24.74 13.40 3.19
N THR B 593 -23.76 12.54 3.51
CA THR B 593 -23.82 11.13 3.11
C THR B 593 -24.53 10.23 4.11
N ASP B 594 -24.77 9.00 3.72
CA ASP B 594 -25.37 8.00 4.63
C ASP B 594 -24.26 7.31 5.41
N VAL B 595 -23.98 7.81 6.61
CA VAL B 595 -22.78 7.42 7.37
C VAL B 595 -22.72 5.93 7.69
N ASP B 596 -23.75 5.43 8.37
CA ASP B 596 -23.84 4.05 8.81
C ASP B 596 -23.98 3.09 7.63
N GLN B 597 -24.55 3.57 6.53
CA GLN B 597 -24.75 2.72 5.37
C GLN B 597 -24.33 3.32 4.04
N PRO B 598 -23.05 3.47 3.85
CA PRO B 598 -22.55 4.11 2.62
C PRO B 598 -22.85 3.33 1.35
N ARG B 599 -22.81 4.08 0.25
CA ARG B 599 -23.15 3.62 -1.09
C ARG B 599 -22.10 2.61 -1.54
N ASN B 600 -22.57 1.59 -2.29
CA ASN B 600 -21.76 0.52 -2.81
C ASN B 600 -21.32 -0.51 -1.78
N LEU B 601 -21.49 -0.22 -0.49
CA LEU B 601 -20.89 -1.13 0.49
C LEU B 601 -21.87 -2.07 1.25
N ALA B 602 -21.26 -2.97 2.03
CA ALA B 602 -21.94 -3.83 2.97
C ALA B 602 -21.00 -3.93 4.18
N LYS B 603 -21.56 -4.06 5.39
CA LYS B 603 -20.78 -4.23 6.64
C LYS B 603 -19.85 -5.47 6.62
N SER B 604 -20.21 -6.49 5.88
CA SER B 604 -19.34 -7.64 5.78
C SER B 604 -19.44 -8.26 4.37
N VAL B 605 -18.30 -8.29 3.68
CA VAL B 605 -18.21 -8.81 2.32
C VAL B 605 -17.98 -10.30 2.34
N THR B 606 -19.11 -11.01 2.25
CA THR B 606 -19.22 -12.44 2.26
C THR B 606 -18.92 -13.15 0.92
N VAL B 607 -18.42 -12.41 -0.06
CA VAL B 607 -18.06 -13.04 -1.34
C VAL B 607 -16.68 -12.57 -1.74
N GLU B 608 -16.14 -13.19 -2.79
CA GLU B 608 -14.83 -12.78 -3.30
C GLU B 608 -14.85 -11.60 -4.28
N ONL C . 17.34 21.60 2.94
CA ONL C . 17.88 22.45 1.83
C ONL C . 16.84 23.26 1.07
O ONL C . 17.26 24.10 0.22
OXT ONL C . 15.61 23.08 1.29
CB ONL C . 18.74 21.57 0.95
CG ONL C . 17.83 20.49 0.37
CD ONL C . 18.58 19.50 -0.53
OD ONL C . 19.55 18.77 -0.19
CE ONL C . 17.95 19.43 -1.85
C1 G6Q D . 9.23 8.12 -10.31
C2 G6Q D . 10.56 7.56 -10.02
C3 G6Q D . 10.62 7.38 -8.48
C4 G6Q D . 11.82 6.53 -8.05
C5 G6Q D . 12.10 6.71 -6.56
C6 G6Q D . 13.36 5.91 -6.23
O1 G6Q D . 8.48 7.31 -10.91
O2 G6Q D . 10.42 6.31 -10.73
O3 G6Q D . 9.47 6.72 -7.93
O4 G6Q D . 11.60 5.14 -8.39
O5 G6Q D . 12.28 8.06 -6.16
O6 G6Q D . 14.43 6.30 -7.07
P G6Q D . 15.61 5.28 -7.43
O1P G6Q D . 15.10 4.23 -8.33
O2P G6Q D . 16.65 6.06 -8.22
O3P G6Q D . 16.17 4.83 -6.09
N ONL E . -23.67 -12.72 -7.32
CA ONL E . -25.01 -12.60 -6.66
C ONL E . -25.65 -11.24 -6.96
O ONL E . -26.82 -10.99 -6.55
OXT ONL E . -24.96 -10.40 -7.62
CB ONL E . -24.88 -12.93 -5.17
CG ONL E . -23.85 -12.04 -4.45
CD ONL E . -23.80 -12.34 -2.94
OD ONL E . -23.67 -13.50 -2.52
CE ONL E . -23.92 -11.21 -1.97
C1 G6Q F . -14.79 -0.85 6.70
C2 G6Q F . -14.66 -2.27 7.21
C3 G6Q F . -13.91 -3.16 6.22
C4 G6Q F . -13.37 -4.43 6.85
C5 G6Q F . -13.16 -5.51 5.80
C6 G6Q F . -12.71 -6.75 6.54
O1 G6Q F . -13.90 -0.05 7.08
O2 G6Q F . -13.82 -2.05 8.35
O3 G6Q F . -12.80 -2.46 5.69
O4 G6Q F . -12.16 -4.13 7.64
O5 G6Q F . -14.37 -5.86 5.08
O6 G6Q F . -13.84 -7.37 7.15
P G6Q F . -13.80 -7.98 8.64
O1P G6Q F . -13.11 -7.00 9.58
O2P G6Q F . -15.25 -8.09 9.06
O3P G6Q F . -13.07 -9.29 8.45
#